data_2QYF
#
_entry.id   2QYF
#
_cell.length_a   68.667
_cell.length_b   104.519
_cell.length_c   138.825
_cell.angle_alpha   90.00
_cell.angle_beta   90.00
_cell.angle_gamma   90.00
#
_symmetry.space_group_name_H-M   'P 21 21 21'
#
loop_
_entity.id
_entity.type
_entity.pdbx_description
1 polymer 'Mitotic spindle assembly checkpoint protein MAD2A'
2 polymer 'MAD2L1-binding protein'
3 polymer peptide
4 water water
#
loop_
_entity_poly.entity_id
_entity_poly.type
_entity_poly.pdbx_seq_one_letter_code
_entity_poly.pdbx_strand_id
1 'polypeptide(L)'
;GMALQLSREQGITARGSAEIVAEFFSFGINSILYQRGIYPSETFTRVQKYGLTLLVTTDLELIKYLNNVVEQLKDWLYKC
SVQKLVVVISNIESGEVLERWQFDIECDKTAKDDSAPREKSQKAIQDEIRSVIRQITATVTFLPLLEVSCSFDLLIYTDK
DLVVPEKWEESGPQFITNSEEVRLRSFTTTIHKVNS(MSE)VAYKIPVND
;
A,C
2 'polypeptide(L)'
;(MSE)TSSTQEPLNASEAFCPRDC(MSE)VPVVFPGPVSQEGCCQFTCELLKHI(MSE)YQRQQLPLPYEQLKHFYRKPS
PQAEE(MSE)LKKKPRATTEVSSRKCQQALAELESVLSHLEDFFARTLVPRVLILLGGNALSPKEFYELDLSLLAPYSVD
QSLSTAACLRRLFRAIF(MSE)ADAFSELQAPPL(MSE)GTVV(MSE)AQGHRNCGEDWFRPKLNYRVPSRGHKLTVTLS
CGRPSIRTTAWEDYIWFQAPVTFKGFRE
;
B,D
3 'polypeptide(L)' SWYSYPPPQRAV E,F
#
# COMPACT_ATOMS: atom_id res chain seq x y z
N GLN A 10 12.61 4.72 -41.80
CA GLN A 10 13.03 6.08 -41.30
C GLN A 10 13.97 6.05 -40.06
N GLY A 11 13.51 5.46 -38.96
CA GLY A 11 14.31 5.41 -37.70
C GLY A 11 13.94 6.52 -36.70
N ILE A 12 14.71 6.62 -35.60
CA ILE A 12 14.40 7.56 -34.51
C ILE A 12 15.45 8.65 -34.35
N THR A 13 15.01 9.90 -34.49
CA THR A 13 15.83 11.08 -34.15
C THR A 13 15.35 11.64 -32.84
N ALA A 14 16.16 12.55 -32.27
CA ALA A 14 15.83 13.14 -30.98
C ALA A 14 14.51 13.90 -31.00
N ARG A 15 14.24 14.60 -32.10
CA ARG A 15 12.97 15.30 -32.30
C ARG A 15 11.81 14.30 -32.52
N GLY A 16 12.09 13.19 -33.20
CA GLY A 16 11.06 12.20 -33.53
C GLY A 16 10.58 11.57 -32.23
N SER A 17 11.54 11.30 -31.36
CA SER A 17 11.30 10.68 -30.08
C SER A 17 10.47 11.59 -29.19
N ALA A 18 10.86 12.87 -29.08
CA ALA A 18 10.12 13.87 -28.27
C ALA A 18 8.65 14.03 -28.71
N GLU A 19 8.42 13.87 -30.01
CA GLU A 19 7.07 13.86 -30.54
C GLU A 19 6.29 12.62 -30.09
N ILE A 20 6.95 11.48 -30.14
CA ILE A 20 6.34 10.24 -29.75
C ILE A 20 5.91 10.30 -28.29
N VAL A 21 6.79 10.82 -27.44
CA VAL A 21 6.54 10.82 -26.03
C VAL A 21 5.49 11.83 -25.65
N ALA A 22 5.62 13.05 -26.19
CA ALA A 22 4.63 14.10 -25.96
C ALA A 22 3.26 13.59 -26.34
N GLU A 23 3.17 13.01 -27.54
CA GLU A 23 1.93 12.44 -28.06
C GLU A 23 1.41 11.28 -27.17
N PHE A 24 2.34 10.44 -26.71
CA PHE A 24 1.94 9.43 -25.75
C PHE A 24 1.28 10.07 -24.52
N PHE A 25 1.88 11.11 -23.96
CA PHE A 25 1.29 11.72 -22.78
C PHE A 25 -0.12 12.23 -23.06
N SER A 26 -0.33 12.73 -24.26
CA SER A 26 -1.63 13.26 -24.63
C SER A 26 -2.64 12.11 -24.52
N PHE A 27 -2.36 11.00 -25.21
CA PHE A 27 -3.21 9.82 -25.14
C PHE A 27 -3.32 9.19 -23.73
N GLY A 28 -2.21 9.17 -23.00
CA GLY A 28 -2.16 8.70 -21.62
C GLY A 28 -3.07 9.48 -20.71
N ILE A 29 -3.03 10.81 -20.82
CA ILE A 29 -3.84 11.69 -19.97
C ILE A 29 -5.30 11.51 -20.26
N ASN A 30 -5.64 11.48 -21.56
CA ASN A 30 -7.00 11.26 -22.01
C ASN A 30 -7.55 9.96 -21.43
N SER A 31 -6.81 8.88 -21.52
CA SER A 31 -7.21 7.59 -20.94
C SER A 31 -7.40 7.62 -19.41
N ILE A 32 -6.44 8.16 -18.67
CA ILE A 32 -6.69 8.39 -17.23
C ILE A 32 -7.97 9.20 -16.94
N LEU A 33 -8.13 10.37 -17.59
CA LEU A 33 -9.31 11.22 -17.31
C LEU A 33 -10.60 10.48 -17.62
N TYR A 34 -10.53 9.61 -18.61
CA TYR A 34 -11.71 8.84 -19.03
C TYR A 34 -12.00 7.70 -18.09
N GLN A 35 -11.01 6.84 -17.92
CA GLN A 35 -11.16 5.65 -17.07
C GLN A 35 -11.42 5.98 -15.61
N ARG A 36 -10.89 7.10 -15.13
CA ARG A 36 -11.12 7.48 -13.74
C ARG A 36 -12.35 8.40 -13.57
N GLY A 37 -13.15 8.62 -14.63
CA GLY A 37 -14.38 9.40 -14.47
C GLY A 37 -14.16 10.87 -14.11
N ILE A 38 -13.01 11.44 -14.47
CA ILE A 38 -12.74 12.84 -14.13
C ILE A 38 -13.65 13.82 -14.94
N TYR A 39 -13.96 13.42 -16.17
CA TYR A 39 -14.94 14.08 -17.01
C TYR A 39 -15.94 12.99 -17.41
N PRO A 40 -17.20 13.38 -17.71
CA PRO A 40 -18.21 12.37 -18.01
C PRO A 40 -17.80 11.54 -19.26
N SER A 41 -18.19 10.27 -19.31
CA SER A 41 -17.77 9.41 -20.42
C SER A 41 -18.28 9.86 -21.77
N GLU A 42 -19.31 10.69 -21.78
CA GLU A 42 -19.93 11.17 -23.04
C GLU A 42 -19.21 12.37 -23.64
N THR A 43 -18.29 12.98 -22.86
CA THR A 43 -17.41 14.06 -23.35
C THR A 43 -16.15 13.50 -24.00
N PHE A 44 -16.14 12.19 -24.23
CA PHE A 44 -15.05 11.47 -24.86
C PHE A 44 -15.52 10.78 -26.16
N THR A 45 -14.62 10.60 -27.11
CA THR A 45 -14.92 9.85 -28.35
C THR A 45 -13.88 8.74 -28.69
N ARG A 46 -14.36 7.63 -29.26
CA ARG A 46 -13.50 6.53 -29.67
C ARG A 46 -12.66 6.87 -30.89
N VAL A 47 -11.35 6.71 -30.78
CA VAL A 47 -10.46 6.82 -31.94
C VAL A 47 -9.43 5.69 -31.99
N GLN A 48 -8.85 5.49 -33.17
CA GLN A 48 -7.78 4.50 -33.34
C GLN A 48 -6.44 5.16 -33.12
N LYS A 49 -5.64 4.52 -32.27
CA LYS A 49 -4.25 4.91 -32.08
C LYS A 49 -3.49 3.74 -31.53
N TYR A 50 -2.23 3.61 -31.98
CA TYR A 50 -1.29 2.57 -31.55
C TYR A 50 -1.83 1.18 -31.85
N GLY A 51 -2.74 1.09 -32.81
CA GLY A 51 -3.30 -0.18 -33.17
C GLY A 51 -4.51 -0.60 -32.36
N LEU A 52 -4.93 0.23 -31.41
CA LEU A 52 -6.13 -0.07 -30.61
C LEU A 52 -7.09 1.10 -30.55
N THR A 53 -8.20 0.89 -29.86
CA THR A 53 -9.26 1.88 -29.69
C THR A 53 -9.12 2.56 -28.34
N LEU A 54 -9.09 3.91 -28.37
CA LEU A 54 -8.83 4.76 -27.19
C LEU A 54 -9.84 5.88 -27.14
N LEU A 55 -9.94 6.49 -25.96
CA LEU A 55 -10.89 7.54 -25.69
C LEU A 55 -10.15 8.84 -25.52
N VAL A 56 -10.57 9.84 -26.30
CA VAL A 56 -10.02 11.22 -26.23
C VAL A 56 -11.17 12.23 -26.06
N THR A 57 -10.89 13.36 -25.41
CA THR A 57 -11.91 14.35 -25.12
C THR A 57 -12.41 15.14 -26.37
N THR A 58 -13.68 15.56 -26.29
CA THR A 58 -14.33 16.44 -27.24
C THR A 58 -14.67 17.71 -26.49
N ASP A 59 -14.12 17.86 -25.29
CA ASP A 59 -14.35 19.08 -24.56
C ASP A 59 -13.31 20.09 -25.03
N LEU A 60 -13.82 21.22 -25.51
CA LEU A 60 -13.02 22.25 -26.19
C LEU A 60 -11.97 22.94 -25.31
N GLU A 61 -12.35 23.39 -24.12
CA GLU A 61 -11.39 23.86 -23.14
C GLU A 61 -10.26 22.82 -22.89
N LEU A 62 -10.63 21.56 -22.66
CA LEU A 62 -9.64 20.51 -22.32
C LEU A 62 -8.74 20.19 -23.52
N ILE A 63 -9.32 20.12 -24.71
CA ILE A 63 -8.54 20.01 -25.93
C ILE A 63 -7.46 21.06 -26.01
N LYS A 64 -7.88 22.32 -25.91
CA LYS A 64 -6.97 23.49 -25.91
C LYS A 64 -5.87 23.41 -24.85
N TYR A 65 -6.28 23.09 -23.61
CA TYR A 65 -5.40 22.92 -22.46
C TYR A 65 -4.34 21.86 -22.73
N LEU A 66 -4.79 20.69 -23.22
CA LEU A 66 -3.84 19.60 -23.50
C LEU A 66 -2.94 19.88 -24.68
N ASN A 67 -3.48 20.56 -25.69
CA ASN A 67 -2.62 20.92 -26.81
C ASN A 67 -1.48 21.79 -26.27
N ASN A 68 -1.81 22.73 -25.40
CA ASN A 68 -0.80 23.60 -24.85
C ASN A 68 0.26 22.86 -24.02
N VAL A 69 -0.20 21.93 -23.15
CA VAL A 69 0.70 21.07 -22.34
C VAL A 69 1.60 20.22 -23.23
N VAL A 70 1.00 19.57 -24.23
CA VAL A 70 1.69 18.64 -25.11
C VAL A 70 2.74 19.36 -25.95
N GLU A 71 2.39 20.51 -26.50
CA GLU A 71 3.38 21.30 -27.18
C GLU A 71 4.57 21.68 -26.28
N GLN A 72 4.30 22.00 -25.02
CA GLN A 72 5.33 22.36 -24.09
C GLN A 72 6.22 21.16 -23.69
N LEU A 73 5.60 19.99 -23.54
CA LEU A 73 6.32 18.78 -23.18
C LEU A 73 7.22 18.38 -24.29
N LYS A 74 6.71 18.47 -25.51
CA LYS A 74 7.48 18.25 -26.72
C LYS A 74 8.80 19.05 -26.71
N ASP A 75 8.70 20.34 -26.40
CA ASP A 75 9.84 21.22 -26.38
C ASP A 75 10.83 20.79 -25.26
N TRP A 76 10.29 20.59 -24.06
CA TRP A 76 11.07 20.18 -22.91
C TRP A 76 11.75 18.82 -23.08
N LEU A 77 11.06 17.88 -23.70
CA LEU A 77 11.62 16.53 -23.90
C LEU A 77 12.83 16.58 -24.84
N TYR A 78 12.74 17.46 -25.82
CA TYR A 78 13.77 17.64 -26.82
C TYR A 78 15.05 18.16 -26.17
N LYS A 79 14.89 19.03 -25.16
CA LYS A 79 15.96 19.67 -24.45
C LYS A 79 16.37 18.90 -23.22
N CYS A 80 15.72 17.73 -23.00
CA CYS A 80 15.89 16.92 -21.76
C CYS A 80 15.65 17.77 -20.49
N SER A 81 14.63 18.61 -20.54
CA SER A 81 14.32 19.51 -19.42
C SER A 81 13.15 19.06 -18.53
N VAL A 82 12.59 17.88 -18.77
CA VAL A 82 11.46 17.42 -17.98
C VAL A 82 11.71 15.99 -17.48
N GLN A 83 11.75 15.82 -16.17
CA GLN A 83 12.02 14.52 -15.55
C GLN A 83 10.76 13.77 -15.06
N LYS A 84 9.72 14.48 -14.67
CA LYS A 84 8.51 13.82 -14.18
C LYS A 84 7.30 14.57 -14.71
N LEU A 85 6.27 13.82 -15.07
CA LEU A 85 4.99 14.36 -15.38
C LEU A 85 4.02 13.64 -14.46
N VAL A 86 3.22 14.39 -13.72
CA VAL A 86 2.34 13.81 -12.72
C VAL A 86 0.89 14.26 -12.98
N VAL A 87 -0.06 13.33 -12.95
CA VAL A 87 -1.47 13.63 -12.95
C VAL A 87 -2.00 13.50 -11.51
N VAL A 88 -2.38 14.62 -10.90
CA VAL A 88 -2.84 14.57 -9.55
C VAL A 88 -4.36 14.58 -9.61
N ILE A 89 -4.98 13.61 -8.95
CA ILE A 89 -6.42 13.50 -8.82
C ILE A 89 -6.88 13.74 -7.40
N SER A 90 -7.73 14.76 -7.25
CA SER A 90 -8.12 15.35 -5.95
C SER A 90 -9.58 15.49 -5.73
N ASN A 91 -9.95 15.47 -4.46
CA ASN A 91 -11.32 15.77 -4.02
C ASN A 91 -11.55 17.23 -4.30
N ILE A 92 -12.59 17.54 -5.08
CA ILE A 92 -12.96 18.91 -5.44
C ILE A 92 -13.25 19.83 -4.22
N GLU A 93 -13.84 19.28 -3.17
CA GLU A 93 -14.14 20.02 -1.95
C GLU A 93 -12.92 20.27 -1.07
N SER A 94 -12.26 19.19 -0.64
CA SER A 94 -11.16 19.30 0.32
C SER A 94 -9.83 19.62 -0.31
N GLY A 95 -9.63 19.22 -1.57
CA GLY A 95 -8.31 19.22 -2.17
C GLY A 95 -7.43 18.05 -1.77
N GLU A 96 -7.97 17.08 -1.01
CA GLU A 96 -7.26 15.82 -0.64
C GLU A 96 -6.88 15.02 -1.89
N VAL A 97 -5.60 14.72 -2.03
CA VAL A 97 -5.13 13.92 -3.16
C VAL A 97 -5.51 12.45 -2.89
N LEU A 98 -6.14 11.83 -3.88
CA LEU A 98 -6.66 10.49 -3.79
C LEU A 98 -5.91 9.48 -4.68
N GLU A 99 -5.34 9.97 -5.76
CA GLU A 99 -4.73 9.11 -6.76
C GLU A 99 -3.71 9.99 -7.49
N ARG A 100 -2.56 9.45 -7.83
CA ARG A 100 -1.48 10.25 -8.38
C ARG A 100 -0.69 9.41 -9.34
N TRP A 101 -0.79 9.70 -10.63
CA TRP A 101 -0.11 8.93 -11.65
C TRP A 101 1.20 9.63 -11.94
N GLN A 102 2.30 8.91 -11.95
CA GLN A 102 3.62 9.51 -12.16
C GLN A 102 4.33 8.84 -13.33
N PHE A 103 4.81 9.66 -14.26
CA PHE A 103 5.61 9.21 -15.37
C PHE A 103 7.00 9.69 -15.13
N ASP A 104 7.97 8.78 -15.21
CA ASP A 104 9.35 9.25 -15.09
C ASP A 104 9.99 9.11 -16.41
N ILE A 105 10.75 10.12 -16.77
CA ILE A 105 11.29 10.21 -18.10
C ILE A 105 12.79 10.19 -17.99
N GLU A 106 13.43 9.22 -18.66
CA GLU A 106 14.89 9.13 -18.80
C GLU A 106 15.30 9.56 -20.22
N CYS A 107 16.39 10.31 -20.33
CA CYS A 107 16.77 10.95 -21.60
C CYS A 107 18.18 10.51 -22.00
N ASP A 108 18.37 10.20 -23.29
CA ASP A 108 19.74 10.06 -23.83
C ASP A 108 20.23 11.39 -24.39
N LYS A 109 20.91 12.16 -23.55
CA LYS A 109 21.42 13.48 -23.94
C LYS A 109 22.40 13.43 -25.13
N THR A 110 22.98 12.26 -25.40
CA THR A 110 23.90 12.06 -26.53
C THR A 110 23.19 12.06 -27.89
N ALA A 111 21.89 11.73 -27.90
CA ALA A 111 21.13 11.62 -29.13
C ALA A 111 21.22 12.87 -29.98
N LYS A 112 21.68 13.96 -29.37
CA LYS A 112 21.91 15.21 -30.06
C LYS A 112 23.11 15.12 -31.01
N ASP A 113 24.07 14.26 -30.65
CA ASP A 113 25.30 14.04 -31.41
C ASP A 113 25.13 13.00 -32.53
N ASP A 114 23.98 12.34 -32.54
CA ASP A 114 23.69 11.25 -33.47
C ASP A 114 23.72 11.73 -34.92
N SER A 115 24.44 10.96 -35.74
CA SER A 115 24.63 11.17 -37.17
C SER A 115 23.59 10.43 -37.99
N ALA A 116 22.90 9.47 -37.38
CA ALA A 116 21.86 8.72 -38.05
C ALA A 116 20.62 8.52 -37.13
N PRO A 117 19.43 8.29 -37.74
CA PRO A 117 18.32 7.90 -36.88
C PRO A 117 18.66 6.57 -36.23
N ARG A 118 18.06 6.30 -35.08
CA ARG A 118 18.36 5.06 -34.39
C ARG A 118 17.45 3.96 -34.88
N GLU A 119 17.98 2.75 -34.84
CA GLU A 119 17.25 1.61 -35.36
C GLU A 119 16.32 1.08 -34.28
N LYS A 120 15.06 1.51 -34.37
CA LYS A 120 13.98 0.80 -33.71
C LYS A 120 12.74 1.05 -34.54
N SER A 121 12.04 -0.02 -34.88
CA SER A 121 10.83 0.07 -35.69
C SER A 121 9.70 0.80 -34.95
N GLN A 122 8.93 1.57 -35.69
CA GLN A 122 7.79 2.26 -35.08
C GLN A 122 6.89 1.19 -34.47
N LYS A 123 6.67 0.13 -35.25
CA LYS A 123 5.95 -1.08 -34.80
C LYS A 123 6.41 -1.53 -33.42
N ALA A 124 7.73 -1.65 -33.23
CA ALA A 124 8.30 -2.10 -31.97
C ALA A 124 7.92 -1.16 -30.82
N ILE A 125 8.11 0.14 -31.07
CA ILE A 125 7.74 1.16 -30.10
C ILE A 125 6.22 1.12 -29.87
N GLN A 126 5.47 0.98 -30.96
CA GLN A 126 4.00 0.92 -30.93
C GLN A 126 3.48 -0.27 -30.10
N ASP A 127 4.13 -1.43 -30.23
CA ASP A 127 3.81 -2.60 -29.39
C ASP A 127 4.04 -2.28 -27.92
N GLU A 128 5.07 -1.46 -27.64
CA GLU A 128 5.42 -1.16 -26.27
C GLU A 128 4.38 -0.24 -25.66
N ILE A 129 4.08 0.84 -26.36
CA ILE A 129 3.10 1.82 -25.93
C ILE A 129 1.73 1.15 -25.70
N ARG A 130 1.31 0.31 -26.65
CA ARG A 130 0.05 -0.44 -26.58
C ARG A 130 -0.03 -1.35 -25.35
N SER A 131 1.09 -1.97 -25.02
CA SER A 131 1.20 -2.75 -23.81
C SER A 131 0.99 -1.87 -22.57
N VAL A 132 1.63 -0.69 -22.55
CA VAL A 132 1.49 0.24 -21.43
C VAL A 132 0.02 0.72 -21.29
N ILE A 133 -0.64 1.01 -22.41
CA ILE A 133 -2.00 1.48 -22.40
C ILE A 133 -3.01 0.40 -21.95
N ARG A 134 -2.82 -0.82 -22.42
CA ARG A 134 -3.59 -1.93 -21.91
C ARG A 134 -3.46 -2.00 -20.40
N GLN A 135 -2.25 -1.72 -19.89
CA GLN A 135 -1.99 -1.83 -18.46
C GLN A 135 -2.78 -0.78 -17.67
N ILE A 136 -2.74 0.45 -18.18
CA ILE A 136 -3.52 1.59 -17.69
C ILE A 136 -4.99 1.23 -17.63
N THR A 137 -5.46 0.58 -18.66
CA THR A 137 -6.85 0.08 -18.68
C THR A 137 -7.13 -0.96 -17.57
N ALA A 138 -6.14 -1.84 -17.31
CA ALA A 138 -6.20 -2.87 -16.30
C ALA A 138 -6.40 -2.34 -14.88
N THR A 139 -6.04 -1.09 -14.63
CA THR A 139 -6.11 -0.50 -13.29
C THR A 139 -7.54 -0.33 -12.77
N VAL A 140 -8.50 -0.19 -13.70
CA VAL A 140 -9.93 -0.10 -13.33
C VAL A 140 -10.27 -1.30 -12.41
N THR A 141 -9.59 -2.41 -12.62
CA THR A 141 -9.99 -3.70 -11.99
C THR A 141 -9.53 -3.83 -10.54
N PHE A 142 -8.64 -2.94 -10.12
CA PHE A 142 -8.22 -2.93 -8.71
C PHE A 142 -8.14 -1.57 -7.97
N LEU A 143 -8.04 -0.46 -8.71
CA LEU A 143 -7.97 0.86 -8.07
C LEU A 143 -9.18 1.09 -7.17
N PRO A 144 -8.96 1.66 -5.98
CA PRO A 144 -10.11 2.03 -5.18
C PRO A 144 -10.97 3.01 -5.96
N LEU A 145 -12.27 2.81 -5.83
CA LEU A 145 -13.28 3.74 -6.34
C LEU A 145 -13.09 5.18 -5.88
N LEU A 146 -13.15 6.11 -6.82
CA LEU A 146 -13.16 7.52 -6.43
C LEU A 146 -14.62 7.74 -6.02
N GLU A 147 -14.88 7.99 -4.76
CA GLU A 147 -16.29 8.07 -4.35
C GLU A 147 -16.82 9.47 -4.07
N VAL A 148 -15.97 10.46 -4.35
CA VAL A 148 -16.32 11.85 -4.30
C VAL A 148 -16.04 12.41 -5.72
N SER A 149 -16.55 13.61 -5.98
CA SER A 149 -16.21 14.31 -7.22
C SER A 149 -14.77 14.83 -7.19
N CYS A 150 -14.06 14.64 -8.29
CA CYS A 150 -12.65 14.98 -8.37
C CYS A 150 -12.28 15.89 -9.53
N SER A 151 -11.17 16.60 -9.37
CA SER A 151 -10.52 17.25 -10.47
C SER A 151 -9.11 16.73 -10.64
N PHE A 152 -8.45 17.24 -11.68
CA PHE A 152 -7.08 16.88 -11.91
C PHE A 152 -6.17 18.10 -12.00
N ASP A 153 -4.86 17.86 -11.93
CA ASP A 153 -3.90 18.90 -12.12
C ASP A 153 -2.73 18.15 -12.70
N LEU A 154 -1.94 18.86 -13.53
CA LEU A 154 -0.73 18.33 -14.11
C LEU A 154 0.48 19.05 -13.53
N LEU A 155 1.40 18.27 -13.03
CA LEU A 155 2.67 18.80 -12.57
C LEU A 155 3.82 18.23 -13.39
N ILE A 156 4.86 19.02 -13.54
CA ILE A 156 6.12 18.52 -14.08
C ILE A 156 7.24 18.76 -13.08
N TYR A 157 8.31 18.01 -13.25
CA TYR A 157 9.50 18.28 -12.49
C TYR A 157 10.63 18.57 -13.46
N THR A 158 11.29 19.70 -13.25
CA THR A 158 12.47 20.12 -14.00
C THR A 158 13.67 20.45 -13.09
N ASP A 159 14.86 20.28 -13.66
CA ASP A 159 16.09 20.86 -13.12
C ASP A 159 16.28 22.33 -13.55
N LYS A 160 15.88 22.64 -14.79
CA LYS A 160 16.02 24.02 -15.32
C LYS A 160 14.83 24.98 -15.01
N ASP A 161 14.75 25.41 -13.77
CA ASP A 161 13.67 26.29 -13.29
C ASP A 161 13.55 27.66 -13.95
N LEU A 162 14.69 28.27 -14.28
CA LEU A 162 14.74 29.64 -14.80
C LEU A 162 14.09 29.84 -16.15
N VAL A 163 13.97 28.77 -16.92
CA VAL A 163 13.43 28.83 -18.27
C VAL A 163 11.98 28.28 -18.38
N VAL A 164 11.38 27.97 -17.25
CA VAL A 164 9.97 27.59 -17.19
C VAL A 164 9.03 28.79 -17.49
N PRO A 165 8.19 28.68 -18.54
CA PRO A 165 7.32 29.82 -18.84
C PRO A 165 6.42 30.18 -17.68
N GLU A 166 6.10 31.48 -17.58
CA GLU A 166 5.38 32.07 -16.46
C GLU A 166 4.04 31.39 -16.22
N LYS A 167 3.39 30.97 -17.29
CA LYS A 167 2.11 30.26 -17.22
C LYS A 167 2.13 29.00 -16.32
N TRP A 168 3.31 28.40 -16.15
CA TRP A 168 3.49 27.29 -15.22
C TRP A 168 3.82 27.81 -13.82
N GLU A 169 3.00 27.45 -12.84
CA GLU A 169 3.11 27.97 -11.47
C GLU A 169 3.93 27.04 -10.56
N GLU A 170 4.77 27.63 -9.71
CA GLU A 170 5.48 26.86 -8.69
C GLU A 170 4.53 25.97 -7.87
N SER A 171 4.93 24.73 -7.65
CA SER A 171 4.05 23.81 -6.98
C SER A 171 4.80 22.90 -6.01
N GLY A 172 4.04 22.37 -5.04
CA GLY A 172 4.49 21.20 -4.32
C GLY A 172 4.34 19.94 -5.18
N PRO A 173 4.88 18.85 -4.68
CA PRO A 173 4.80 17.56 -5.34
C PRO A 173 3.41 16.90 -5.21
N GLN A 174 2.60 17.44 -4.29
CA GLN A 174 1.25 16.95 -3.98
C GLN A 174 1.18 15.42 -3.78
N PHE A 175 1.94 14.96 -2.81
CA PHE A 175 1.95 13.56 -2.42
C PHE A 175 0.71 13.18 -1.65
N ILE A 176 0.34 11.91 -1.73
CA ILE A 176 -0.64 11.26 -0.84
C ILE A 176 0.07 10.86 0.45
N THR A 177 -0.52 11.20 1.60
CA THR A 177 0.06 10.90 2.92
C THR A 177 0.32 9.41 3.14
N ASN A 178 -0.73 8.58 2.99
CA ASN A 178 -0.70 7.13 3.17
C ASN A 178 -1.14 6.46 1.88
N SER A 179 -0.19 5.93 1.13
CA SER A 179 -0.46 5.48 -0.23
C SER A 179 -0.03 4.06 -0.52
N GLU A 180 -0.57 3.55 -1.59
CA GLU A 180 -0.12 2.31 -2.14
C GLU A 180 0.22 2.69 -3.57
N GLU A 181 1.27 2.07 -4.10
CA GLU A 181 1.72 2.35 -5.45
C GLU A 181 2.06 1.06 -6.14
N VAL A 182 1.69 0.98 -7.41
CA VAL A 182 2.06 -0.16 -8.22
C VAL A 182 2.79 0.33 -9.49
N ARG A 183 3.85 -0.36 -9.88
CA ARG A 183 4.65 -0.02 -11.06
C ARG A 183 3.98 -0.47 -12.34
N LEU A 184 3.97 0.39 -13.34
CA LEU A 184 3.47 -0.05 -14.64
C LEU A 184 4.66 -0.37 -15.55
N ARG A 185 4.40 -0.94 -16.73
CA ARG A 185 5.45 -1.19 -17.72
C ARG A 185 6.04 0.13 -18.17
N SER A 186 7.21 0.04 -18.76
CA SER A 186 7.85 1.16 -19.37
C SER A 186 7.96 0.95 -20.88
N PHE A 187 8.26 2.03 -21.59
CA PHE A 187 8.58 1.94 -23.01
C PHE A 187 9.77 2.83 -23.32
N THR A 188 10.42 2.54 -24.44
CA THR A 188 11.57 3.31 -24.84
C THR A 188 11.66 3.51 -26.33
N THR A 189 12.07 4.71 -26.72
CA THR A 189 12.30 5.02 -28.14
C THR A 189 13.77 4.76 -28.50
N THR A 190 14.57 4.44 -27.48
CA THR A 190 16.06 4.38 -27.53
C THR A 190 16.69 5.72 -27.15
N ILE A 191 15.88 6.77 -27.22
CA ILE A 191 16.32 8.11 -26.86
C ILE A 191 15.68 8.65 -25.57
N HIS A 192 14.37 8.37 -25.39
CA HIS A 192 13.61 8.62 -24.14
C HIS A 192 13.05 7.32 -23.67
N LYS A 193 13.10 7.10 -22.35
CA LYS A 193 12.41 6.00 -21.71
C LYS A 193 11.44 6.59 -20.69
N VAL A 194 10.20 6.11 -20.77
CA VAL A 194 9.10 6.55 -19.92
C VAL A 194 8.68 5.39 -18.99
N ASN A 195 8.92 5.58 -17.70
CA ASN A 195 8.46 4.69 -16.64
C ASN A 195 7.17 5.24 -16.11
N SER A 196 6.22 4.35 -15.79
CA SER A 196 4.93 4.79 -15.25
C SER A 196 4.65 4.11 -13.92
N MSE A 197 3.80 4.76 -13.13
CA MSE A 197 3.26 4.17 -11.93
C MSE A 197 2.03 4.93 -11.48
O MSE A 197 1.83 6.09 -11.78
CB MSE A 197 4.32 4.16 -10.83
CG MSE A 197 5.18 5.41 -10.78
SE MSE A 197 5.83 5.85 -8.95
CE MSE A 197 4.00 5.92 -8.14
N VAL A 198 1.20 4.27 -10.71
CA VAL A 198 0.09 4.95 -10.12
C VAL A 198 0.10 4.69 -8.65
N ALA A 199 -0.12 5.74 -7.87
CA ALA A 199 -0.29 5.65 -6.43
C ALA A 199 -1.71 6.07 -6.07
N TYR A 200 -2.18 5.61 -4.91
CA TYR A 200 -3.52 5.88 -4.45
C TYR A 200 -3.60 5.72 -2.95
N LYS A 201 -4.60 6.35 -2.37
CA LYS A 201 -4.73 6.42 -0.93
C LYS A 201 -5.04 5.01 -0.43
N ILE A 202 -4.38 4.57 0.64
CA ILE A 202 -4.69 3.27 1.24
C ILE A 202 -6.16 3.23 1.64
N PRO A 203 -6.93 2.28 1.11
CA PRO A 203 -8.36 2.26 1.43
C PRO A 203 -8.72 2.16 2.94
N VAL A 204 -9.73 2.93 3.33
CA VAL A 204 -10.37 2.88 4.66
C VAL A 204 -10.55 1.45 5.15
N ASN A 205 -11.32 0.66 4.42
CA ASN A 205 -11.25 -0.80 4.55
C ASN A 205 -11.21 -1.45 3.18
N ASP A 206 -10.96 -2.75 3.14
CA ASP A 206 -10.63 -3.49 1.89
C ASP A 206 -11.40 -3.12 0.61
N CYS B 20 3.53 -18.61 -15.38
CA CYS B 20 3.64 -18.07 -14.00
C CYS B 20 2.44 -18.37 -13.08
N MSE B 21 2.73 -18.39 -11.78
CA MSE B 21 1.85 -18.86 -10.75
C MSE B 21 1.52 -17.73 -9.78
O MSE B 21 2.41 -17.24 -9.06
CB MSE B 21 2.54 -20.00 -10.00
CG MSE B 21 2.92 -21.20 -10.88
SE MSE B 21 1.39 -22.18 -11.65
CE MSE B 21 0.60 -22.93 -10.02
N VAL B 22 0.24 -17.33 -9.71
CA VAL B 22 -0.16 -16.15 -8.94
C VAL B 22 -1.05 -16.51 -7.77
N PRO B 23 -0.55 -16.32 -6.53
CA PRO B 23 -1.40 -16.55 -5.39
C PRO B 23 -2.20 -15.28 -5.05
N VAL B 24 -3.41 -15.51 -4.58
CA VAL B 24 -4.24 -14.48 -3.99
C VAL B 24 -4.69 -15.08 -2.66
N VAL B 25 -4.34 -14.47 -1.54
CA VAL B 25 -4.71 -15.05 -0.28
C VAL B 25 -5.64 -14.04 0.39
N PHE B 26 -6.92 -14.33 0.38
CA PHE B 26 -7.85 -13.38 0.95
C PHE B 26 -7.61 -13.36 2.47
N PRO B 27 -7.57 -12.14 3.07
CA PRO B 27 -7.26 -11.98 4.49
C PRO B 27 -8.39 -12.51 5.36
N GLY B 28 -9.43 -13.09 4.75
CA GLY B 28 -10.55 -13.73 5.46
C GLY B 28 -11.22 -14.76 4.56
N PRO B 29 -12.20 -15.53 5.09
CA PRO B 29 -12.96 -16.51 4.29
C PRO B 29 -13.87 -15.91 3.24
N VAL B 30 -13.90 -16.52 2.04
CA VAL B 30 -14.78 -16.02 0.94
C VAL B 30 -16.06 -16.82 0.69
N GLN B 32 -19.25 -17.63 -3.07
CA GLN B 32 -19.79 -18.61 -3.97
C GLN B 32 -20.33 -17.90 -5.20
N GLU B 33 -21.10 -16.85 -4.92
CA GLU B 33 -21.58 -16.01 -5.97
C GLU B 33 -20.32 -15.23 -6.31
N GLY B 34 -19.45 -15.14 -5.28
CA GLY B 34 -18.13 -14.59 -5.40
C GLY B 34 -17.35 -15.33 -6.47
N CYS B 35 -17.34 -16.66 -6.40
CA CYS B 35 -16.43 -17.43 -7.28
C CYS B 35 -16.85 -17.35 -8.72
N CYS B 36 -18.14 -17.39 -8.94
CA CYS B 36 -18.72 -17.11 -10.23
C CYS B 36 -18.26 -15.78 -10.79
N GLN B 37 -18.29 -14.73 -9.96
CA GLN B 37 -17.79 -13.41 -10.33
C GLN B 37 -16.29 -13.34 -10.58
N PHE B 38 -15.48 -14.06 -9.77
CA PHE B 38 -14.03 -14.10 -10.03
C PHE B 38 -13.82 -14.67 -11.44
N THR B 39 -14.59 -15.71 -11.74
CA THR B 39 -14.41 -16.44 -12.99
C THR B 39 -14.86 -15.57 -14.16
N CYS B 40 -16.03 -14.96 -14.01
CA CYS B 40 -16.60 -14.16 -15.10
C CYS B 40 -15.82 -12.88 -15.42
N GLU B 41 -15.28 -12.23 -14.39
CA GLU B 41 -14.49 -11.01 -14.54
C GLU B 41 -13.11 -11.35 -15.05
N LEU B 42 -12.56 -12.47 -14.59
CA LEU B 42 -11.32 -12.94 -15.14
C LEU B 42 -11.49 -13.24 -16.62
N LEU B 43 -12.53 -14.00 -16.99
CA LEU B 43 -12.78 -14.23 -18.43
C LEU B 43 -12.83 -12.93 -19.21
N LYS B 44 -13.70 -11.97 -18.80
CA LYS B 44 -13.77 -10.65 -19.46
C LYS B 44 -12.40 -9.97 -19.61
N HIS B 45 -11.62 -10.00 -18.52
CA HIS B 45 -10.33 -9.34 -18.49
C HIS B 45 -9.36 -9.96 -19.48
N ILE B 46 -9.31 -11.30 -19.49
CA ILE B 46 -8.46 -12.01 -20.45
C ILE B 46 -8.86 -11.65 -21.88
N MSE B 47 -10.17 -11.65 -22.13
CA MSE B 47 -10.64 -11.41 -23.51
C MSE B 47 -10.13 -10.05 -24.00
O MSE B 47 -9.72 -9.92 -25.16
CB MSE B 47 -12.16 -11.54 -23.63
CG MSE B 47 -12.73 -12.94 -23.41
SE MSE B 47 -11.99 -14.34 -24.61
CE MSE B 47 -10.31 -14.80 -23.68
N TYR B 48 -10.18 -9.05 -23.13
CA TYR B 48 -9.70 -7.71 -23.52
C TYR B 48 -8.17 -7.67 -23.62
N GLN B 49 -7.49 -8.13 -22.60
CA GLN B 49 -6.05 -7.99 -22.55
C GLN B 49 -5.35 -8.72 -23.69
N ARG B 50 -5.93 -9.86 -24.13
CA ARG B 50 -5.39 -10.63 -25.26
C ARG B 50 -6.11 -10.26 -26.56
N GLN B 51 -6.79 -9.12 -26.56
CA GLN B 51 -7.25 -8.49 -27.79
C GLN B 51 -8.24 -9.35 -28.57
N GLN B 52 -9.10 -10.03 -27.84
CA GLN B 52 -10.23 -10.74 -28.42
C GLN B 52 -11.46 -9.85 -28.43
N LEU B 53 -11.35 -8.72 -27.74
CA LEU B 53 -12.34 -7.68 -27.63
C LEU B 53 -11.59 -6.34 -27.81
N PRO B 54 -12.18 -5.38 -28.55
CA PRO B 54 -11.53 -4.07 -28.83
C PRO B 54 -11.61 -3.05 -27.69
N LEU B 55 -12.54 -3.26 -26.78
CA LEU B 55 -12.68 -2.40 -25.61
C LEU B 55 -13.15 -3.31 -24.51
N PRO B 56 -12.87 -2.96 -23.23
CA PRO B 56 -13.36 -3.81 -22.15
C PRO B 56 -14.83 -4.13 -22.33
N TYR B 57 -15.23 -5.34 -21.93
CA TYR B 57 -16.59 -5.83 -22.13
C TYR B 57 -17.69 -4.85 -21.69
N GLU B 58 -17.47 -4.19 -20.57
CA GLU B 58 -18.46 -3.31 -19.98
C GLU B 58 -18.52 -1.92 -20.65
N GLN B 59 -17.44 -1.49 -21.29
CA GLN B 59 -17.49 -0.31 -22.12
C GLN B 59 -18.20 -0.63 -23.43
N LEU B 60 -18.09 -1.88 -23.86
CA LEU B 60 -18.80 -2.36 -25.04
C LEU B 60 -20.29 -2.47 -24.79
N LYS B 61 -20.69 -2.68 -23.54
CA LYS B 61 -22.11 -2.80 -23.19
C LYS B 61 -22.93 -1.53 -23.43
N HIS B 62 -22.25 -0.40 -23.69
CA HIS B 62 -22.91 0.81 -24.20
C HIS B 62 -22.19 1.39 -25.44
N CYS B 90 -20.07 -8.02 -33.57
CA CYS B 90 -19.87 -6.68 -33.02
C CYS B 90 -20.82 -6.44 -31.85
N GLN B 91 -22.04 -6.95 -31.99
CA GLN B 91 -23.05 -7.01 -30.93
C GLN B 91 -23.45 -8.47 -30.88
N GLN B 92 -23.14 -9.15 -31.97
CA GLN B 92 -23.34 -10.57 -32.12
C GLN B 92 -22.37 -11.34 -31.20
N ALA B 93 -21.08 -11.01 -31.31
CA ALA B 93 -20.04 -11.65 -30.48
C ALA B 93 -20.22 -11.38 -28.98
N LEU B 94 -20.87 -10.26 -28.66
CA LEU B 94 -21.18 -9.94 -27.28
C LEU B 94 -22.32 -10.81 -26.70
N ALA B 95 -23.25 -11.22 -27.55
CA ALA B 95 -24.30 -12.20 -27.17
C ALA B 95 -23.72 -13.59 -26.88
N GLU B 96 -22.74 -14.00 -27.68
CA GLU B 96 -22.05 -15.26 -27.49
C GLU B 96 -21.31 -15.29 -26.14
N LEU B 97 -20.59 -14.21 -25.84
CA LEU B 97 -19.94 -14.06 -24.54
C LEU B 97 -20.98 -14.04 -23.43
N GLU B 98 -22.04 -13.22 -23.61
CA GLU B 98 -23.21 -13.15 -22.69
C GLU B 98 -23.69 -14.55 -22.35
N SER B 99 -23.69 -15.39 -23.37
CA SER B 99 -24.18 -16.76 -23.28
C SER B 99 -23.22 -17.62 -22.45
N VAL B 100 -21.95 -17.62 -22.78
CA VAL B 100 -20.96 -18.28 -21.91
C VAL B 100 -21.11 -17.76 -20.46
N LEU B 101 -21.20 -16.43 -20.29
CA LEU B 101 -21.21 -15.86 -18.95
C LEU B 101 -22.42 -16.29 -18.17
N SER B 102 -23.56 -16.21 -18.81
CA SER B 102 -24.80 -16.67 -18.21
C SER B 102 -24.82 -18.18 -17.93
N HIS B 103 -24.32 -18.97 -18.86
CA HIS B 103 -24.17 -20.39 -18.56
C HIS B 103 -23.19 -20.69 -17.40
N LEU B 104 -22.14 -19.89 -17.27
CA LEU B 104 -21.25 -20.03 -16.11
C LEU B 104 -22.06 -19.87 -14.84
N GLU B 105 -22.94 -18.88 -14.84
CA GLU B 105 -23.78 -18.63 -13.68
C GLU B 105 -24.67 -19.83 -13.27
N ASP B 106 -25.33 -20.49 -14.22
CA ASP B 106 -26.15 -21.69 -13.97
C ASP B 106 -25.28 -22.83 -13.40
N PHE B 107 -24.08 -23.00 -13.97
CA PHE B 107 -23.12 -24.03 -13.53
C PHE B 107 -22.67 -23.82 -12.08
N PHE B 108 -22.29 -22.59 -11.72
CA PHE B 108 -21.94 -22.30 -10.33
C PHE B 108 -23.17 -22.43 -9.39
N ALA B 109 -24.39 -22.16 -9.89
CA ALA B 109 -25.58 -22.50 -9.09
C ALA B 109 -25.69 -24.01 -8.74
N ARG B 110 -25.12 -24.86 -9.59
CA ARG B 110 -25.36 -26.32 -9.53
C ARG B 110 -24.28 -27.06 -8.78
N THR B 111 -23.08 -26.51 -8.77
CA THR B 111 -21.96 -27.22 -8.17
C THR B 111 -20.88 -26.30 -7.70
N LEU B 112 -20.14 -26.75 -6.68
CA LEU B 112 -18.82 -26.21 -6.43
C LEU B 112 -17.92 -26.39 -7.67
N VAL B 113 -17.04 -25.42 -7.89
CA VAL B 113 -16.18 -25.41 -9.05
C VAL B 113 -14.77 -25.21 -8.51
N PRO B 114 -13.96 -26.29 -8.48
CA PRO B 114 -12.59 -26.24 -7.97
C PRO B 114 -11.55 -25.62 -8.95
N ARG B 115 -11.80 -25.75 -10.24
CA ARG B 115 -10.85 -25.31 -11.26
C ARG B 115 -11.61 -24.85 -12.49
N VAL B 116 -11.09 -23.82 -13.13
CA VAL B 116 -11.62 -23.31 -14.41
C VAL B 116 -10.48 -23.17 -15.36
N LEU B 117 -10.73 -23.50 -16.63
CA LEU B 117 -9.72 -23.28 -17.65
C LEU B 117 -10.32 -22.43 -18.74
N ILE B 118 -9.49 -21.52 -19.24
CA ILE B 118 -9.84 -20.58 -20.31
C ILE B 118 -8.73 -20.76 -21.34
N LEU B 119 -9.13 -21.36 -22.46
CA LEU B 119 -8.22 -21.95 -23.45
C LEU B 119 -8.42 -21.21 -24.77
N LEU B 120 -7.36 -20.64 -25.33
CA LEU B 120 -7.51 -19.84 -26.57
C LEU B 120 -6.77 -20.47 -27.76
N GLY B 121 -7.45 -20.51 -28.90
CA GLY B 121 -6.88 -20.99 -30.18
C GLY B 121 -6.67 -22.50 -30.14
N GLY B 122 -6.26 -23.08 -31.26
CA GLY B 122 -6.02 -24.53 -31.30
C GLY B 122 -7.32 -25.24 -30.97
N ASN B 123 -7.23 -26.30 -30.14
CA ASN B 123 -8.42 -26.84 -29.47
C ASN B 123 -8.27 -26.98 -27.95
N ALA B 124 -9.36 -27.34 -27.30
CA ALA B 124 -9.35 -27.55 -25.84
C ALA B 124 -8.23 -28.46 -25.30
N LEU B 125 -7.89 -29.53 -26.02
CA LEU B 125 -6.84 -30.48 -25.55
C LEU B 125 -5.48 -29.93 -25.92
N SER B 126 -5.47 -29.16 -27.01
CA SER B 126 -4.21 -28.56 -27.52
C SER B 126 -4.36 -27.06 -27.96
N PRO B 127 -4.49 -26.13 -26.98
CA PRO B 127 -4.67 -24.70 -27.23
C PRO B 127 -3.40 -23.96 -27.64
N LYS B 128 -3.54 -22.78 -28.26
CA LYS B 128 -2.37 -21.91 -28.45
C LYS B 128 -1.90 -21.40 -27.08
N GLU B 129 -2.84 -20.98 -26.25
CA GLU B 129 -2.51 -20.52 -24.88
C GLU B 129 -3.64 -20.82 -23.89
N PHE B 130 -3.32 -20.91 -22.61
CA PHE B 130 -4.38 -21.15 -21.62
C PHE B 130 -4.11 -20.59 -20.23
N TYR B 131 -5.20 -20.30 -19.55
CA TYR B 131 -5.24 -19.65 -18.26
C TYR B 131 -6.06 -20.55 -17.36
N GLU B 132 -5.58 -20.71 -16.12
CA GLU B 132 -6.27 -21.48 -15.09
C GLU B 132 -6.63 -20.63 -13.87
N LEU B 133 -7.84 -20.80 -13.34
CA LEU B 133 -8.23 -20.24 -12.07
C LEU B 133 -8.40 -21.42 -11.10
N ASP B 134 -7.60 -21.48 -10.06
CA ASP B 134 -7.74 -22.61 -9.18
C ASP B 134 -8.39 -22.14 -7.90
N LEU B 135 -9.63 -22.62 -7.67
CA LEU B 135 -10.48 -22.24 -6.56
C LEU B 135 -10.50 -23.32 -5.49
N SER B 136 -9.71 -24.38 -5.67
CA SER B 136 -9.95 -25.54 -4.83
C SER B 136 -9.78 -25.28 -3.33
N LEU B 137 -8.93 -24.32 -2.94
CA LEU B 137 -8.69 -24.06 -1.52
C LEU B 137 -9.69 -23.14 -0.84
N LEU B 138 -10.66 -22.60 -1.58
CA LEU B 138 -11.59 -21.68 -0.96
C LEU B 138 -12.63 -22.43 -0.11
N ALA B 139 -13.25 -21.73 0.84
CA ALA B 139 -14.31 -22.32 1.65
C ALA B 139 -15.48 -22.73 0.74
N PRO B 140 -15.94 -23.98 0.87
CA PRO B 140 -17.09 -24.44 0.08
C PRO B 140 -18.42 -23.90 0.62
N ASP B 144 -19.88 -16.92 7.56
CA ASP B 144 -18.69 -16.33 8.18
C ASP B 144 -18.01 -15.23 7.35
N GLN B 145 -18.27 -15.20 6.04
CA GLN B 145 -17.62 -14.22 5.17
C GLN B 145 -18.07 -12.81 5.48
N SER B 146 -17.08 -11.94 5.69
CA SER B 146 -17.25 -10.54 6.03
C SER B 146 -16.80 -9.66 4.85
N LEU B 147 -15.72 -10.05 4.18
CA LEU B 147 -15.25 -9.30 3.01
C LEU B 147 -16.17 -9.47 1.77
N SER B 148 -16.40 -8.37 1.08
CA SER B 148 -17.26 -8.35 -0.08
C SER B 148 -16.57 -8.92 -1.31
N THR B 149 -17.40 -9.23 -2.29
CA THR B 149 -16.99 -9.70 -3.59
C THR B 149 -16.14 -8.65 -4.29
N ALA B 150 -16.57 -7.38 -4.25
CA ALA B 150 -15.83 -6.23 -4.78
C ALA B 150 -14.43 -6.14 -4.28
N ALA B 151 -14.29 -6.25 -2.95
CA ALA B 151 -12.98 -6.17 -2.32
C ALA B 151 -12.13 -7.37 -2.78
N CYS B 152 -12.76 -8.56 -2.89
CA CYS B 152 -12.02 -9.77 -3.33
C CYS B 152 -11.55 -9.66 -4.77
N LEU B 153 -12.45 -9.20 -5.62
CA LEU B 153 -12.13 -8.93 -7.03
C LEU B 153 -10.92 -8.00 -7.16
N ARG B 154 -10.92 -6.90 -6.45
CA ARG B 154 -9.73 -6.09 -6.58
C ARG B 154 -8.47 -6.66 -5.96
N ARG B 155 -8.58 -7.49 -4.94
CA ARG B 155 -7.37 -8.16 -4.49
C ARG B 155 -6.80 -9.10 -5.59
N LEU B 156 -7.67 -9.88 -6.22
CA LEU B 156 -7.30 -10.82 -7.29
C LEU B 156 -6.68 -10.08 -8.49
N PHE B 157 -7.35 -9.01 -8.88
CA PHE B 157 -6.89 -8.23 -10.01
C PHE B 157 -5.63 -7.45 -9.70
N ARG B 158 -5.46 -6.97 -8.45
CA ARG B 158 -4.16 -6.35 -8.10
C ARG B 158 -3.02 -7.37 -8.24
N ALA B 159 -3.27 -8.62 -7.79
CA ALA B 159 -2.27 -9.70 -7.78
C ALA B 159 -1.74 -10.09 -9.17
N ILE B 160 -2.65 -10.19 -10.14
CA ILE B 160 -2.39 -10.48 -11.55
C ILE B 160 -1.65 -9.32 -12.22
N PHE B 161 -2.06 -8.10 -11.87
CA PHE B 161 -1.36 -6.92 -12.37
C PHE B 161 0.11 -6.88 -11.90
N MSE B 162 0.30 -7.01 -10.59
CA MSE B 162 1.63 -7.00 -10.03
C MSE B 162 2.50 -8.15 -10.57
O MSE B 162 3.73 -8.03 -10.64
CB MSE B 162 1.55 -7.03 -8.51
CG MSE B 162 0.83 -5.85 -7.90
SE MSE B 162 1.00 -5.82 -5.94
CE MSE B 162 0.00 -7.47 -5.46
N ALA B 163 1.88 -9.26 -10.99
CA ALA B 163 2.61 -10.40 -11.60
C ALA B 163 2.96 -10.14 -13.06
N ASP B 164 2.54 -8.98 -13.56
CA ASP B 164 2.81 -8.57 -14.94
C ASP B 164 2.28 -9.59 -15.92
N ALA B 165 1.08 -10.09 -15.67
CA ALA B 165 0.41 -10.95 -16.58
C ALA B 165 0.05 -10.13 -17.84
N PHE B 166 -0.17 -10.83 -18.96
CA PHE B 166 -0.56 -10.23 -20.24
C PHE B 166 0.47 -9.24 -20.80
N SER B 167 1.75 -9.55 -20.60
CA SER B 167 2.87 -8.69 -21.00
C SER B 167 3.41 -8.96 -22.40
N GLU B 168 2.69 -9.74 -23.19
CA GLU B 168 3.07 -10.00 -24.58
C GLU B 168 3.09 -8.70 -25.40
N LEU B 169 4.17 -8.49 -26.15
CA LEU B 169 4.30 -7.31 -26.98
C LEU B 169 3.62 -7.49 -28.33
N GLN B 170 3.84 -8.63 -28.96
CA GLN B 170 3.26 -8.85 -30.27
C GLN B 170 1.75 -9.00 -30.10
N ALA B 171 0.98 -8.42 -31.02
CA ALA B 171 -0.46 -8.59 -31.05
C ALA B 171 -0.84 -9.99 -31.55
N PRO B 172 -1.77 -10.67 -30.85
CA PRO B 172 -2.16 -11.99 -31.30
C PRO B 172 -3.35 -11.96 -32.27
N PRO B 173 -3.59 -13.07 -33.00
CA PRO B 173 -4.73 -13.02 -33.90
C PRO B 173 -6.01 -13.24 -33.13
N LEU B 174 -7.13 -12.92 -33.74
CA LEU B 174 -8.40 -13.38 -33.23
C LEU B 174 -8.34 -14.90 -33.08
N MSE B 175 -8.85 -15.40 -31.95
CA MSE B 175 -8.84 -16.85 -31.65
C MSE B 175 -10.17 -17.30 -31.06
O MSE B 175 -10.96 -16.49 -30.58
CB MSE B 175 -7.72 -17.20 -30.69
CG MSE B 175 -6.35 -17.13 -31.29
SE MSE B 175 -4.97 -17.38 -29.92
CE MSE B 175 -5.36 -15.78 -28.85
N GLY B 176 -10.43 -18.60 -31.13
CA GLY B 176 -11.59 -19.21 -30.47
C GLY B 176 -11.20 -19.46 -29.02
N THR B 177 -12.09 -19.09 -28.09
CA THR B 177 -11.87 -19.29 -26.66
C THR B 177 -12.83 -20.33 -26.14
N VAL B 178 -12.25 -21.40 -25.56
CA VAL B 178 -13.00 -22.43 -24.84
C VAL B 178 -12.99 -22.25 -23.30
N VAL B 179 -14.18 -22.32 -22.71
CA VAL B 179 -14.26 -22.30 -21.27
C VAL B 179 -14.58 -23.68 -20.70
N MSE B 180 -13.76 -24.09 -19.73
CA MSE B 180 -13.93 -25.35 -19.05
C MSE B 180 -13.91 -25.14 -17.58
O MSE B 180 -13.27 -24.22 -17.10
CB MSE B 180 -12.86 -26.37 -19.45
CG MSE B 180 -12.94 -26.72 -20.92
SE MSE B 180 -11.68 -28.09 -21.40
CE MSE B 180 -12.65 -29.62 -20.56
N ALA B 181 -14.61 -26.00 -16.87
CA ALA B 181 -14.64 -25.95 -15.45
C ALA B 181 -14.99 -27.33 -14.92
N GLN B 182 -14.45 -27.62 -13.74
CA GLN B 182 -14.74 -28.82 -13.06
C GLN B 182 -15.95 -28.61 -12.22
N GLY B 183 -16.69 -29.68 -12.02
CA GLY B 183 -17.92 -29.66 -11.24
C GLY B 183 -18.26 -31.10 -10.96
N HIS B 184 -19.16 -31.28 -9.98
CA HIS B 184 -19.51 -32.60 -9.52
C HIS B 184 -20.15 -33.40 -10.64
N ARG B 185 -19.70 -34.65 -10.81
CA ARG B 185 -20.27 -35.60 -11.80
C ARG B 185 -21.82 -35.65 -11.78
N ASN B 186 -22.42 -35.51 -10.60
CA ASN B 186 -23.86 -35.62 -10.43
C ASN B 186 -24.61 -34.32 -10.36
N CYS B 187 -23.96 -33.20 -10.67
CA CYS B 187 -24.59 -31.87 -10.45
C CYS B 187 -25.75 -31.53 -11.39
N GLY B 188 -25.87 -32.26 -12.50
CA GLY B 188 -27.01 -32.14 -13.43
C GLY B 188 -26.82 -31.19 -14.61
N GLU B 189 -25.60 -30.70 -14.79
CA GLU B 189 -25.31 -29.69 -15.81
C GLU B 189 -25.75 -30.19 -17.19
N ASP B 190 -26.43 -29.32 -17.93
CA ASP B 190 -27.02 -29.70 -19.21
C ASP B 190 -26.54 -28.88 -20.40
N TRP B 191 -25.66 -27.93 -20.18
CA TRP B 191 -25.21 -27.16 -21.30
C TRP B 191 -23.75 -27.40 -21.52
N PHE B 192 -22.92 -27.15 -20.48
CA PHE B 192 -21.54 -27.60 -20.51
C PHE B 192 -21.58 -29.13 -20.65
N ARG B 193 -20.64 -29.68 -21.41
CA ARG B 193 -20.59 -31.11 -21.71
C ARG B 193 -19.50 -31.82 -20.91
N PRO B 194 -19.82 -33.01 -20.36
CA PRO B 194 -18.84 -33.70 -19.53
C PRO B 194 -17.69 -34.24 -20.37
N LYS B 195 -16.48 -34.17 -19.82
CA LYS B 195 -15.30 -34.57 -20.53
C LYS B 195 -14.48 -35.46 -19.59
N LEU B 196 -14.98 -36.68 -19.40
CA LEU B 196 -14.44 -37.62 -18.48
C LEU B 196 -13.00 -37.98 -18.80
N ASN B 197 -12.56 -37.73 -20.04
CA ASN B 197 -11.22 -38.12 -20.40
C ASN B 197 -10.29 -36.95 -20.69
N TYR B 198 -10.74 -35.75 -20.31
CA TYR B 198 -9.93 -34.54 -20.49
C TYR B 198 -8.64 -34.58 -19.71
N ARG B 199 -7.59 -34.04 -20.30
CA ARG B 199 -6.31 -33.91 -19.60
C ARG B 199 -5.83 -32.47 -19.79
N VAL B 200 -5.50 -31.80 -18.70
CA VAL B 200 -5.04 -30.42 -18.79
C VAL B 200 -3.80 -30.36 -19.72
N PRO B 201 -3.83 -29.46 -20.73
CA PRO B 201 -2.72 -29.31 -21.70
C PRO B 201 -1.36 -29.06 -21.06
N SER B 202 -0.31 -29.55 -21.74
CA SER B 202 1.08 -29.54 -21.27
C SER B 202 1.93 -28.53 -22.00
N ARG B 203 1.33 -27.80 -22.94
CA ARG B 203 1.96 -26.62 -23.51
C ARG B 203 0.93 -25.47 -23.56
N GLY B 204 1.41 -24.23 -23.73
CA GLY B 204 0.53 -23.08 -23.83
C GLY B 204 0.10 -22.37 -22.54
N HIS B 205 0.56 -22.86 -21.38
CA HIS B 205 0.18 -22.29 -20.08
C HIS B 205 0.68 -20.88 -19.97
N LYS B 206 -0.19 -19.97 -19.57
CA LYS B 206 0.24 -18.57 -19.43
C LYS B 206 0.21 -18.18 -18.00
N LEU B 207 -0.83 -18.60 -17.27
CA LEU B 207 -1.03 -18.14 -15.92
C LEU B 207 -1.93 -19.07 -15.15
N THR B 208 -1.64 -19.23 -13.86
CA THR B 208 -2.58 -19.83 -12.92
C THR B 208 -2.83 -18.84 -11.80
N VAL B 209 -4.09 -18.62 -11.47
CA VAL B 209 -4.44 -17.80 -10.33
C VAL B 209 -4.98 -18.77 -9.31
N THR B 210 -4.28 -18.86 -8.17
CA THR B 210 -4.66 -19.74 -7.07
C THR B 210 -5.22 -18.98 -5.89
N LEU B 211 -6.51 -19.21 -5.61
CA LEU B 211 -7.18 -18.57 -4.53
C LEU B 211 -7.26 -19.43 -3.27
N SER B 212 -6.92 -18.82 -2.13
CA SER B 212 -7.10 -19.45 -0.83
C SER B 212 -7.52 -18.37 0.16
N CYS B 213 -7.80 -18.79 1.39
CA CYS B 213 -8.17 -17.81 2.41
C CYS B 213 -7.73 -18.24 3.81
N GLY B 214 -6.48 -18.68 3.91
CA GLY B 214 -5.83 -19.04 5.17
C GLY B 214 -6.39 -20.23 5.93
N ARG B 215 -7.08 -21.15 5.26
CA ARG B 215 -7.53 -22.37 5.93
C ARG B 215 -6.49 -23.49 5.80
N PRO B 216 -6.49 -24.42 6.78
CA PRO B 216 -5.38 -25.37 6.92
C PRO B 216 -5.50 -26.70 6.17
N SER B 217 -6.46 -27.53 6.55
CA SER B 217 -6.45 -28.96 6.20
C SER B 217 -7.71 -29.48 5.50
N ILE B 218 -7.62 -29.61 4.17
CA ILE B 218 -8.61 -30.38 3.42
C ILE B 218 -8.00 -31.68 2.85
N ARG B 219 -8.87 -32.68 2.73
CA ARG B 219 -8.55 -34.04 2.30
C ARG B 219 -7.78 -34.11 0.97
N THR B 220 -6.82 -35.05 0.93
CA THR B 220 -5.99 -35.33 -0.25
C THR B 220 -6.85 -35.84 -1.44
N THR B 221 -8.07 -36.26 -1.13
CA THR B 221 -9.03 -36.83 -2.09
C THR B 221 -10.31 -35.96 -2.21
N ALA B 222 -10.15 -34.65 -1.99
CA ALA B 222 -11.28 -33.71 -1.87
C ALA B 222 -12.17 -33.61 -3.13
N TRP B 223 -11.56 -33.52 -4.29
CA TRP B 223 -12.35 -33.26 -5.49
C TRP B 223 -12.57 -34.51 -6.33
N GLU B 224 -12.62 -35.64 -5.63
CA GLU B 224 -12.66 -37.00 -6.17
C GLU B 224 -13.69 -37.25 -7.25
N ASP B 225 -14.91 -36.81 -6.99
CA ASP B 225 -16.06 -37.08 -7.86
C ASP B 225 -16.30 -35.92 -8.82
N TYR B 226 -15.22 -35.16 -9.09
CA TYR B 226 -15.29 -33.96 -9.93
C TYR B 226 -14.69 -34.26 -11.27
N ILE B 227 -15.33 -33.73 -12.31
CA ILE B 227 -14.95 -34.01 -13.67
C ILE B 227 -14.97 -32.72 -14.46
N TRP B 228 -14.26 -32.73 -15.59
CA TRP B 228 -14.22 -31.57 -16.46
C TRP B 228 -15.52 -31.46 -17.22
N PHE B 229 -16.02 -30.23 -17.34
CA PHE B 229 -17.08 -29.88 -18.29
C PHE B 229 -16.54 -28.78 -19.22
N GLN B 230 -17.08 -28.75 -20.42
CA GLN B 230 -16.56 -27.94 -21.48
C GLN B 230 -17.71 -27.26 -22.21
N ALA B 231 -17.62 -25.95 -22.37
CA ALA B 231 -18.62 -25.19 -23.11
C ALA B 231 -18.80 -25.83 -24.50
N PRO B 232 -20.05 -26.04 -24.92
CA PRO B 232 -20.32 -26.60 -26.25
C PRO B 232 -20.19 -25.54 -27.37
N VAL B 233 -19.97 -24.27 -27.00
CA VAL B 233 -19.72 -23.20 -27.98
C VAL B 233 -18.45 -22.37 -27.68
N THR B 234 -17.83 -21.92 -28.76
CA THR B 234 -16.57 -21.21 -28.73
C THR B 234 -16.82 -19.70 -28.77
N PHE B 235 -16.07 -18.94 -27.99
CA PHE B 235 -16.15 -17.49 -28.16
C PHE B 235 -15.09 -17.04 -29.15
N LYS B 236 -15.54 -16.33 -30.17
CA LYS B 236 -14.63 -15.91 -31.23
C LYS B 236 -14.16 -14.47 -31.06
N GLY B 237 -12.85 -14.28 -31.04
CA GLY B 237 -12.30 -12.93 -31.02
C GLY B 237 -12.88 -12.06 -32.14
N PHE B 238 -12.96 -10.75 -31.91
CA PHE B 238 -13.28 -9.81 -32.98
C PHE B 238 -12.59 -8.44 -32.86
N THR C 13 21.90 28.80 13.58
CA THR C 13 23.27 28.60 12.95
C THR C 13 23.38 27.38 12.01
N ALA C 14 23.81 27.63 10.78
CA ALA C 14 23.84 26.59 9.74
C ALA C 14 24.73 25.40 10.10
N ARG C 15 25.88 25.65 10.71
CA ARG C 15 26.71 24.53 11.14
C ARG C 15 26.11 23.85 12.37
N GLY C 16 25.39 24.62 13.20
CA GLY C 16 24.56 24.07 14.29
C GLY C 16 23.41 23.20 13.79
N SER C 17 22.73 23.65 12.74
CA SER C 17 21.62 22.88 12.19
C SER C 17 22.14 21.60 11.55
N ALA C 18 23.17 21.71 10.70
CA ALA C 18 23.77 20.53 10.04
C ALA C 18 24.11 19.46 11.06
N GLU C 19 24.57 19.90 12.24
CA GLU C 19 24.97 18.96 13.27
C GLU C 19 23.75 18.26 13.92
N ILE C 20 22.66 19.00 14.08
CA ILE C 20 21.44 18.47 14.71
C ILE C 20 20.84 17.35 13.82
N VAL C 21 20.70 17.65 12.53
CA VAL C 21 20.20 16.71 11.55
C VAL C 21 21.10 15.46 11.37
N ALA C 22 22.40 15.67 11.20
CA ALA C 22 23.28 14.53 11.03
C ALA C 22 23.19 13.64 12.26
N GLU C 23 23.05 14.28 13.43
CA GLU C 23 22.96 13.58 14.71
C GLU C 23 21.63 12.80 14.80
N PHE C 24 20.54 13.40 14.34
CA PHE C 24 19.24 12.72 14.26
C PHE C 24 19.35 11.48 13.39
N PHE C 25 20.05 11.58 12.26
CA PHE C 25 20.22 10.48 11.34
C PHE C 25 20.92 9.33 11.97
N SER C 26 21.96 9.63 12.73
CA SER C 26 22.67 8.60 13.47
C SER C 26 21.73 7.89 14.44
N PHE C 27 21.00 8.65 15.26
CA PHE C 27 20.00 8.02 16.15
C PHE C 27 18.82 7.37 15.44
N GLY C 28 18.32 8.01 14.37
CA GLY C 28 17.22 7.45 13.59
C GLY C 28 17.61 6.11 13.00
N ILE C 29 18.79 6.05 12.37
CA ILE C 29 19.34 4.82 11.77
C ILE C 29 19.52 3.72 12.81
N ASN C 30 20.12 4.06 13.95
CA ASN C 30 20.28 3.08 15.04
C ASN C 30 18.97 2.45 15.46
N SER C 31 17.96 3.28 15.66
CA SER C 31 16.61 2.85 15.97
C SER C 31 16.00 1.92 14.91
N ILE C 32 16.12 2.31 13.65
CA ILE C 32 15.63 1.42 12.57
C ILE C 32 16.35 0.07 12.61
N LEU C 33 17.66 0.13 12.69
CA LEU C 33 18.44 -1.10 12.73
C LEU C 33 18.04 -2.04 13.91
N TYR C 34 17.75 -1.43 15.05
CA TYR C 34 17.34 -2.18 16.21
C TYR C 34 15.89 -2.67 16.12
N GLN C 35 14.99 -1.74 15.81
CA GLN C 35 13.54 -2.00 15.79
C GLN C 35 13.13 -3.01 14.72
N ARG C 36 13.86 -3.01 13.61
CA ARG C 36 13.61 -3.90 12.48
C ARG C 36 14.45 -5.17 12.50
N GLY C 37 15.28 -5.33 13.53
CA GLY C 37 16.01 -6.60 13.74
C GLY C 37 17.11 -6.89 12.75
N ILE C 38 17.74 -5.85 12.26
CA ILE C 38 18.84 -5.98 11.31
C ILE C 38 20.11 -6.45 11.99
N TYR C 39 20.29 -5.99 13.24
CA TYR C 39 21.34 -6.49 14.10
C TYR C 39 20.64 -7.00 15.35
N PRO C 40 21.22 -8.03 16.03
CA PRO C 40 20.66 -8.60 17.28
C PRO C 40 20.49 -7.52 18.32
N SER C 41 19.47 -7.69 19.14
CA SER C 41 19.15 -6.77 20.21
C SER C 41 20.29 -6.60 21.21
N GLU C 42 21.13 -7.61 21.36
CA GLU C 42 22.22 -7.53 22.35
C GLU C 42 23.44 -6.75 21.84
N THR C 43 23.34 -6.22 20.63
CA THR C 43 24.42 -5.44 20.09
C THR C 43 24.05 -3.99 20.20
N PHE C 44 23.00 -3.72 20.95
CA PHE C 44 22.61 -2.36 21.21
C PHE C 44 22.62 -2.10 22.73
N THR C 45 22.79 -0.85 23.11
CA THR C 45 22.66 -0.42 24.51
C THR C 45 21.81 0.84 24.61
N ARG C 46 21.33 1.13 25.81
CA ARG C 46 20.38 2.22 26.03
C ARG C 46 21.11 3.52 26.31
N VAL C 47 20.68 4.60 25.66
CA VAL C 47 21.21 5.90 25.99
C VAL C 47 20.05 6.88 26.08
N GLN C 48 20.36 8.09 26.54
CA GLN C 48 19.43 9.19 26.68
C GLN C 48 19.75 10.25 25.64
N LYS C 49 18.73 10.71 24.93
CA LYS C 49 18.88 11.80 23.98
C LYS C 49 17.48 12.29 23.74
N TYR C 50 17.38 13.59 23.48
CA TYR C 50 16.13 14.31 23.18
C TYR C 50 15.10 14.31 24.32
N GLY C 51 15.49 13.79 25.48
CA GLY C 51 14.57 13.72 26.58
C GLY C 51 13.88 12.38 26.56
N LEU C 52 14.49 11.41 25.86
CA LEU C 52 13.99 10.04 25.88
C LEU C 52 15.10 9.02 25.90
N THR C 53 14.70 7.76 26.00
CA THR C 53 15.58 6.61 25.95
C THR C 53 15.53 5.92 24.57
N LEU C 54 16.70 5.74 23.97
CA LEU C 54 16.77 5.01 22.74
C LEU C 54 17.95 4.07 22.74
N LEU C 55 18.05 3.28 21.67
CA LEU C 55 19.07 2.26 21.54
C LEU C 55 20.11 2.63 20.46
N VAL C 56 21.38 2.42 20.80
CA VAL C 56 22.48 2.69 19.91
C VAL C 56 23.37 1.46 19.89
N THR C 57 24.03 1.24 18.76
CA THR C 57 24.86 0.08 18.61
C THR C 57 26.13 0.08 19.47
N THR C 58 26.56 -1.11 19.83
CA THR C 58 27.84 -1.30 20.51
C THR C 58 28.78 -2.10 19.62
N ASP C 59 28.33 -2.39 18.38
CA ASP C 59 29.13 -3.10 17.43
C ASP C 59 30.21 -2.18 16.92
N LEU C 60 31.46 -2.63 17.03
CA LEU C 60 32.59 -1.80 16.65
C LEU C 60 32.59 -1.34 15.17
N GLU C 61 32.37 -2.28 14.25
CA GLU C 61 32.37 -2.01 12.81
C GLU C 61 31.25 -1.05 12.44
N LEU C 62 30.06 -1.30 13.01
CA LEU C 62 28.88 -0.46 12.79
C LEU C 62 29.09 0.95 13.33
N ILE C 63 29.63 1.07 14.54
CA ILE C 63 29.96 2.40 15.10
C ILE C 63 30.90 3.16 14.18
N LYS C 64 31.92 2.50 13.68
CA LYS C 64 32.88 3.21 12.85
C LYS C 64 32.23 3.69 11.53
N TYR C 65 31.52 2.79 10.87
CA TYR C 65 30.77 3.08 9.63
C TYR C 65 29.79 4.24 9.87
N LEU C 66 29.01 4.16 10.93
CA LEU C 66 28.04 5.24 11.21
C LEU C 66 28.72 6.57 11.49
N ASN C 67 29.87 6.54 12.17
CA ASN C 67 30.62 7.76 12.48
C ASN C 67 31.08 8.38 11.16
N ASN C 68 31.59 7.55 10.25
CA ASN C 68 32.02 7.98 8.93
C ASN C 68 30.84 8.60 8.21
N VAL C 69 29.71 7.90 8.23
CA VAL C 69 28.52 8.40 7.53
C VAL C 69 28.06 9.75 8.04
N VAL C 70 27.98 9.86 9.36
CA VAL C 70 27.51 11.08 10.02
C VAL C 70 28.36 12.33 9.75
N GLU C 71 29.67 12.19 9.81
CA GLU C 71 30.56 13.27 9.40
C GLU C 71 30.38 13.69 7.93
N GLN C 72 30.29 12.73 6.99
CA GLN C 72 30.00 13.12 5.62
C GLN C 72 28.68 13.91 5.53
N LEU C 73 27.61 13.37 6.12
CA LEU C 73 26.28 14.03 6.15
C LEU C 73 26.35 15.47 6.72
N LYS C 74 27.07 15.66 7.83
CA LYS C 74 27.37 17.00 8.38
C LYS C 74 28.01 17.96 7.36
N ASP C 75 29.03 17.51 6.63
CA ASP C 75 29.68 18.30 5.57
C ASP C 75 28.68 18.63 4.42
N TRP C 76 27.90 17.64 4.02
CA TRP C 76 27.00 17.83 2.90
C TRP C 76 25.84 18.71 3.23
N LEU C 77 25.36 18.59 4.46
CA LEU C 77 24.20 19.37 4.89
C LEU C 77 24.56 20.86 4.90
N TYR C 78 25.77 21.19 5.35
CA TYR C 78 26.21 22.57 5.44
C TYR C 78 26.38 23.13 4.05
N LYS C 79 26.88 22.29 3.15
CA LYS C 79 27.03 22.63 1.73
C LYS C 79 25.74 22.57 0.95
N CYS C 80 24.63 22.22 1.63
CA CYS C 80 23.29 22.00 1.02
C CYS C 80 23.29 21.03 -0.14
N SER C 81 24.01 19.93 -0.01
CA SER C 81 24.10 19.04 -1.15
C SER C 81 23.66 17.61 -0.87
N VAL C 82 22.83 17.41 0.13
CA VAL C 82 22.16 16.11 0.30
C VAL C 82 20.68 16.44 0.50
N GLN C 83 19.85 15.96 -0.43
CA GLN C 83 18.40 16.18 -0.39
C GLN C 83 17.58 14.96 0.15
N LYS C 84 18.16 13.76 0.04
CA LYS C 84 17.58 12.55 0.63
C LYS C 84 18.65 11.67 1.27
N LEU C 85 18.30 11.14 2.44
CA LEU C 85 18.92 9.98 3.04
C LEU C 85 17.95 8.74 3.08
N VAL C 86 18.40 7.60 2.60
CA VAL C 86 17.57 6.43 2.54
C VAL C 86 18.25 5.24 3.21
N VAL C 87 17.50 4.51 4.02
CA VAL C 87 17.93 3.21 4.61
C VAL C 87 17.11 2.16 3.89
N VAL C 88 17.79 1.35 3.07
CA VAL C 88 17.23 0.26 2.33
C VAL C 88 17.42 -1.05 3.11
N ILE C 89 16.34 -1.77 3.32
CA ILE C 89 16.38 -3.06 3.98
C ILE C 89 16.01 -4.13 2.96
N SER C 90 16.93 -5.06 2.72
CA SER C 90 16.71 -5.99 1.64
C SER C 90 17.03 -7.43 2.03
N ASN C 91 16.41 -8.36 1.34
CA ASN C 91 16.73 -9.77 1.49
C ASN C 91 18.26 -9.95 1.21
N ILE C 92 18.96 -10.50 2.19
CA ILE C 92 20.41 -10.53 2.16
C ILE C 92 20.92 -11.44 1.01
N GLU C 93 20.09 -12.38 0.57
CA GLU C 93 20.44 -13.31 -0.49
C GLU C 93 20.04 -12.84 -1.91
N SER C 94 18.81 -12.36 -2.06
CA SER C 94 18.32 -11.96 -3.40
C SER C 94 18.47 -10.47 -3.66
N GLY C 95 18.61 -9.69 -2.60
CA GLY C 95 18.70 -8.21 -2.74
C GLY C 95 17.34 -7.52 -2.94
N GLU C 96 16.25 -8.29 -3.00
CA GLU C 96 14.92 -7.74 -3.05
C GLU C 96 14.71 -6.72 -1.92
N VAL C 97 14.39 -5.47 -2.26
CA VAL C 97 14.10 -4.46 -1.27
C VAL C 97 12.71 -4.67 -0.62
N LEU C 98 12.69 -4.81 0.72
CA LEU C 98 11.45 -5.08 1.40
C LEU C 98 10.88 -3.91 2.17
N GLU C 99 11.76 -2.99 2.53
CA GLU C 99 11.43 -1.85 3.34
C GLU C 99 12.40 -0.73 3.02
N ARG C 100 11.94 0.49 3.04
CA ARG C 100 12.78 1.61 2.56
C ARG C 100 12.35 2.89 3.24
N TRP C 101 13.22 3.33 4.15
CA TRP C 101 12.98 4.52 4.95
C TRP C 101 13.66 5.69 4.28
N GLN C 102 12.95 6.78 4.14
CA GLN C 102 13.46 7.93 3.42
C GLN C 102 13.30 9.15 4.33
N PHE C 103 14.37 9.91 4.45
CA PHE C 103 14.35 11.24 4.98
C PHE C 103 14.63 12.20 3.84
N ASP C 104 13.71 13.15 3.61
CA ASP C 104 13.89 14.22 2.67
C ASP C 104 14.36 15.40 3.50
N ILE C 105 15.39 16.08 3.00
CA ILE C 105 15.89 17.27 3.67
C ILE C 105 15.58 18.48 2.81
N GLU C 106 15.02 19.50 3.44
CA GLU C 106 14.71 20.77 2.75
C GLU C 106 15.05 21.99 3.60
N CYS C 107 15.08 23.15 2.97
CA CYS C 107 15.10 24.43 3.68
C CYS C 107 13.69 24.80 4.07
N ASP C 108 13.49 25.46 5.20
CA ASP C 108 12.29 26.31 5.32
C ASP C 108 12.65 27.79 5.14
N LYS C 120 13.15 27.57 16.83
CA LYS C 120 13.63 28.68 17.67
C LYS C 120 14.20 28.18 19.00
N SER C 121 13.33 27.75 19.91
CA SER C 121 13.80 27.12 21.14
C SER C 121 14.40 25.73 20.83
N GLN C 122 15.45 25.36 21.57
CA GLN C 122 15.95 23.99 21.51
C GLN C 122 14.92 22.99 22.08
N LYS C 123 13.95 23.49 22.84
CA LYS C 123 12.84 22.67 23.34
C LYS C 123 11.81 22.37 22.25
N ALA C 124 11.47 23.37 21.46
CA ALA C 124 10.56 23.17 20.32
C ALA C 124 11.14 22.14 19.33
N ILE C 125 12.43 22.30 18.99
CA ILE C 125 13.11 21.35 18.15
C ILE C 125 13.06 19.96 18.78
N GLN C 126 13.51 19.80 20.01
CA GLN C 126 13.47 18.47 20.64
C GLN C 126 12.07 17.84 20.73
N ASP C 127 11.05 18.64 21.08
CA ASP C 127 9.70 18.11 21.19
C ASP C 127 9.39 17.45 19.86
N GLU C 128 9.74 18.11 18.77
CA GLU C 128 9.39 17.62 17.42
C GLU C 128 10.13 16.34 17.07
N ILE C 129 11.42 16.32 17.41
CA ILE C 129 12.27 15.20 17.13
C ILE C 129 11.76 13.96 17.87
N ARG C 130 11.39 14.18 19.13
CA ARG C 130 10.89 13.15 20.03
C ARG C 130 9.59 12.59 19.48
N SER C 131 8.76 13.47 18.94
CA SER C 131 7.53 13.06 18.37
C SER C 131 7.73 12.19 17.08
N VAL C 132 8.75 12.52 16.28
CA VAL C 132 9.14 11.70 15.13
C VAL C 132 9.64 10.35 15.59
N ILE C 133 10.51 10.33 16.60
CA ILE C 133 11.09 9.09 17.09
C ILE C 133 10.07 8.09 17.72
N ARG C 134 9.07 8.64 18.42
CA ARG C 134 7.96 7.83 18.94
C ARG C 134 7.15 7.27 17.78
N GLN C 135 7.03 8.04 16.70
CA GLN C 135 6.25 7.61 15.55
C GLN C 135 6.98 6.45 14.82
N ILE C 136 8.30 6.61 14.69
CA ILE C 136 9.15 5.53 14.20
C ILE C 136 9.00 4.26 15.03
N THR C 137 8.94 4.42 16.35
CA THR C 137 8.81 3.27 17.23
C THR C 137 7.46 2.60 16.99
N ALA C 138 6.45 3.40 16.72
CA ALA C 138 5.11 2.88 16.55
C ALA C 138 4.94 2.02 15.29
N THR C 139 5.79 2.21 14.28
CA THR C 139 5.65 1.42 13.00
C THR C 139 5.73 -0.07 13.24
N VAL C 140 6.38 -0.49 14.32
CA VAL C 140 6.48 -1.92 14.54
C VAL C 140 5.12 -2.52 14.84
N THR C 141 4.21 -1.70 15.32
CA THR C 141 2.86 -2.23 15.62
C THR C 141 2.14 -2.72 14.35
N PHE C 142 2.56 -2.26 13.16
CA PHE C 142 1.81 -2.61 11.93
C PHE C 142 2.61 -3.01 10.69
N LEU C 143 3.91 -2.71 10.67
CA LEU C 143 4.74 -3.14 9.53
C LEU C 143 4.71 -4.68 9.32
N PRO C 144 4.59 -5.14 8.06
CA PRO C 144 4.70 -6.57 7.81
C PRO C 144 6.01 -7.11 8.38
N LEU C 145 5.97 -8.33 8.89
CA LEU C 145 7.18 -8.99 9.40
C LEU C 145 8.24 -9.11 8.30
N LEU C 146 9.50 -8.94 8.67
CA LEU C 146 10.59 -9.23 7.76
C LEU C 146 10.94 -10.67 8.07
N GLU C 147 10.66 -11.57 7.12
CA GLU C 147 10.59 -12.97 7.47
C GLU C 147 11.80 -13.65 6.88
N VAL C 148 12.67 -12.83 6.29
CA VAL C 148 13.96 -13.31 5.81
C VAL C 148 15.10 -12.51 6.51
N SER C 149 16.30 -13.06 6.43
CA SER C 149 17.45 -12.35 6.88
C SER C 149 17.70 -11.18 5.92
N CYS C 150 18.04 -10.02 6.48
CA CYS C 150 18.11 -8.82 5.69
C CYS C 150 19.41 -8.14 5.91
N SER C 151 19.89 -7.43 4.88
CA SER C 151 20.89 -6.41 5.13
C SER C 151 20.25 -5.01 5.00
N PHE C 152 21.08 -3.98 5.20
CA PHE C 152 20.70 -2.61 4.90
C PHE C 152 21.78 -1.92 4.09
N ASP C 153 21.43 -0.79 3.50
CA ASP C 153 22.35 0.02 2.74
C ASP C 153 21.93 1.43 3.08
N LEU C 154 22.87 2.37 3.03
CA LEU C 154 22.48 3.76 3.15
C LEU C 154 22.67 4.45 1.83
N LEU C 155 21.68 5.20 1.35
CA LEU C 155 21.79 5.96 0.07
C LEU C 155 21.57 7.39 0.36
N ILE C 156 22.25 8.25 -0.38
CA ILE C 156 21.93 9.66 -0.40
C ILE C 156 21.51 10.09 -1.79
N TYR C 157 20.73 11.16 -1.85
CA TYR C 157 20.42 11.78 -3.11
C TYR C 157 20.85 13.24 -3.09
N THR C 158 21.47 13.67 -4.18
CA THR C 158 21.92 15.05 -4.36
C THR C 158 21.43 15.59 -5.73
N ASP C 159 20.80 16.76 -5.75
CA ASP C 159 20.33 17.34 -7.02
C ASP C 159 21.49 17.93 -7.84
N LYS C 160 22.49 18.49 -7.15
CA LYS C 160 23.70 18.89 -7.84
C LYS C 160 24.70 17.75 -7.91
N ASP C 161 25.54 17.79 -8.91
CA ASP C 161 26.34 16.63 -9.30
C ASP C 161 27.66 16.40 -8.53
N LEU C 162 27.89 17.15 -7.45
CA LEU C 162 29.21 17.24 -6.81
C LEU C 162 30.06 15.94 -6.67
N VAL C 163 31.31 16.12 -6.24
CA VAL C 163 32.37 15.08 -6.31
C VAL C 163 32.35 14.03 -5.18
N VAL C 164 32.54 12.77 -5.56
CA VAL C 164 32.37 11.60 -4.68
C VAL C 164 33.58 11.25 -3.79
N PRO C 165 33.33 11.06 -2.48
CA PRO C 165 34.30 10.45 -1.58
C PRO C 165 34.51 8.96 -1.89
N GLU C 166 35.65 8.42 -1.48
CA GLU C 166 36.08 7.03 -1.82
C GLU C 166 35.00 5.97 -1.57
N LYS C 167 34.72 5.78 -0.28
CA LYS C 167 33.71 4.85 0.19
C LYS C 167 32.38 4.87 -0.61
N TRP C 168 31.96 6.06 -1.05
CA TRP C 168 30.68 6.25 -1.73
C TRP C 168 30.66 5.80 -3.19
N GLU C 169 29.58 5.14 -3.58
CA GLU C 169 29.45 4.66 -4.93
C GLU C 169 28.11 4.96 -5.60
N GLU C 170 28.17 5.05 -6.94
CA GLU C 170 27.03 5.35 -7.80
C GLU C 170 25.96 4.33 -7.59
N SER C 171 24.71 4.77 -7.65
CA SER C 171 23.63 3.87 -7.31
C SER C 171 22.33 4.19 -8.01
N GLY C 172 21.51 3.15 -8.16
CA GLY C 172 20.10 3.33 -8.40
C GLY C 172 19.44 3.76 -7.10
N PRO C 173 18.15 4.15 -7.18
CA PRO C 173 17.32 4.56 -6.05
C PRO C 173 16.88 3.42 -5.16
N GLN C 174 17.08 2.19 -5.62
CA GLN C 174 16.67 0.99 -4.88
C GLN C 174 15.17 1.08 -4.41
N PHE C 175 14.29 1.42 -5.34
CA PHE C 175 12.83 1.45 -5.14
C PHE C 175 12.22 0.06 -4.92
N ILE C 176 11.19 0.04 -4.09
CA ILE C 176 10.28 -1.10 -4.03
C ILE C 176 9.29 -0.99 -5.20
N THR C 177 9.15 -2.08 -5.94
CA THR C 177 8.30 -2.18 -7.13
C THR C 177 6.84 -1.88 -6.81
N ASN C 178 6.28 -2.61 -5.85
CA ASN C 178 4.92 -2.43 -5.38
C ASN C 178 4.95 -2.31 -3.86
N SER C 179 4.56 -1.15 -3.37
CA SER C 179 4.77 -0.78 -1.99
C SER C 179 3.57 -0.06 -1.40
N GLU C 180 3.51 -0.03 -0.06
CA GLU C 180 2.74 0.93 0.72
C GLU C 180 3.74 1.98 1.20
N GLU C 181 3.29 3.23 1.35
CA GLU C 181 4.12 4.31 1.87
C GLU C 181 3.31 5.08 2.88
N VAL C 182 3.88 5.23 4.07
CA VAL C 182 3.27 5.99 5.13
C VAL C 182 4.18 7.15 5.46
N ARG C 183 3.74 8.37 5.15
CA ARG C 183 4.59 9.54 5.36
C ARG C 183 4.44 9.92 6.82
N LEU C 184 5.57 10.18 7.49
CA LEU C 184 5.61 10.40 8.94
C LEU C 184 5.71 11.90 9.30
N ARG C 185 5.91 12.18 10.58
CA ARG C 185 6.05 13.54 11.08
C ARG C 185 7.34 14.26 10.62
N SER C 186 7.23 15.58 10.49
CA SER C 186 8.38 16.46 10.22
C SER C 186 8.99 17.08 11.46
N PHE C 187 10.25 17.49 11.31
CA PHE C 187 10.89 18.44 12.21
C PHE C 187 11.68 19.50 11.46
N THR C 188 11.83 20.66 12.11
CA THR C 188 12.62 21.75 11.55
C THR C 188 13.53 22.45 12.55
N THR C 189 14.68 22.89 12.05
CA THR C 189 15.62 23.61 12.88
C THR C 189 15.45 25.12 12.66
N THR C 190 14.56 25.48 11.73
CA THR C 190 14.40 26.84 11.19
C THR C 190 15.37 27.06 10.04
N ILE C 191 16.41 26.25 9.99
CA ILE C 191 17.29 26.17 8.84
C ILE C 191 16.93 24.95 7.98
N HIS C 192 16.92 23.78 8.60
CA HIS C 192 16.61 22.54 7.88
C HIS C 192 15.26 21.95 8.29
N LYS C 193 14.46 21.62 7.29
CA LYS C 193 13.24 20.84 7.53
C LYS C 193 13.51 19.41 7.10
N VAL C 194 13.19 18.46 7.98
CA VAL C 194 13.37 17.02 7.74
C VAL C 194 12.05 16.19 7.71
N ASN C 195 11.75 15.63 6.55
CA ASN C 195 10.58 14.80 6.38
C ASN C 195 11.00 13.37 6.39
N SER C 196 10.22 12.53 7.07
CA SER C 196 10.52 11.09 7.22
C SER C 196 9.32 10.31 6.69
N MSE C 197 9.58 9.12 6.15
CA MSE C 197 8.56 8.24 5.66
C MSE C 197 9.16 6.83 5.51
O MSE C 197 10.36 6.66 5.41
CB MSE C 197 8.11 8.73 4.30
CG MSE C 197 9.28 8.73 3.36
SE MSE C 197 8.97 9.69 1.71
CE MSE C 197 7.98 8.24 0.80
N VAL C 198 8.30 5.83 5.49
CA VAL C 198 8.71 4.48 5.31
C VAL C 198 7.81 3.87 4.24
N ALA C 199 8.46 3.10 3.38
CA ALA C 199 7.80 2.39 2.33
C ALA C 199 8.11 0.96 2.63
N TYR C 200 7.17 0.08 2.28
CA TYR C 200 7.39 -1.32 2.42
C TYR C 200 6.67 -2.10 1.36
N LYS C 201 7.17 -3.32 1.09
CA LYS C 201 6.53 -4.17 0.09
C LYS C 201 5.03 -4.50 0.36
N ILE C 202 4.17 -4.47 -0.68
CA ILE C 202 2.76 -4.86 -0.48
C ILE C 202 2.75 -6.35 -0.19
N PRO C 203 2.28 -6.74 0.99
CA PRO C 203 2.28 -8.19 1.37
C PRO C 203 1.26 -9.08 0.64
N VAL C 204 1.63 -10.36 0.41
CA VAL C 204 0.65 -11.37 -0.04
C VAL C 204 -0.27 -11.71 1.13
N ASN C 205 0.30 -11.72 2.35
CA ASN C 205 -0.52 -12.00 3.54
C ASN C 205 -0.59 -10.75 4.39
N ASP C 206 -1.84 -10.35 4.73
CA ASP C 206 -2.03 -9.13 5.49
C ASP C 206 -1.58 -9.29 6.94
N CYS D 20 -11.13 12.27 18.76
CA CYS D 20 -10.66 11.45 17.58
C CYS D 20 -11.36 10.05 17.53
N MSE D 21 -11.93 9.72 16.38
CA MSE D 21 -12.69 8.48 16.19
C MSE D 21 -12.09 7.55 15.14
O MSE D 21 -12.20 7.83 13.94
CB MSE D 21 -14.15 8.79 15.84
CG MSE D 21 -14.87 9.69 16.84
SE MSE D 21 -15.05 8.93 18.66
CE MSE D 21 -16.38 7.53 18.23
N VAL D 22 -11.50 6.44 15.56
CA VAL D 22 -10.89 5.49 14.61
C VAL D 22 -11.69 4.18 14.46
N PRO D 23 -12.32 3.96 13.29
CA PRO D 23 -13.01 2.66 13.05
C PRO D 23 -12.16 1.57 12.37
N VAL D 24 -12.38 0.31 12.78
CA VAL D 24 -11.62 -0.82 12.22
C VAL D 24 -12.54 -1.95 11.89
N VAL D 25 -12.58 -2.31 10.61
CA VAL D 25 -13.38 -3.44 10.14
C VAL D 25 -12.46 -4.60 9.85
N PHE D 26 -12.67 -5.70 10.56
CA PHE D 26 -11.90 -6.92 10.33
C PHE D 26 -12.56 -7.79 9.23
N PRO D 27 -11.72 -8.36 8.33
CA PRO D 27 -12.21 -9.12 7.18
C PRO D 27 -12.70 -10.54 7.54
N GLY D 28 -13.15 -10.72 8.79
CA GLY D 28 -13.56 -12.02 9.33
C GLY D 28 -13.75 -12.02 10.85
N PRO D 29 -14.18 -13.16 11.42
CA PRO D 29 -14.51 -13.09 12.85
C PRO D 29 -13.26 -13.16 13.73
N VAL D 30 -13.42 -12.72 14.98
CA VAL D 30 -12.36 -12.73 15.99
C VAL D 30 -12.62 -13.75 17.13
N SER D 31 -11.55 -14.15 17.80
CA SER D 31 -11.65 -14.90 19.04
C SER D 31 -11.65 -13.95 20.25
N GLN D 32 -12.21 -14.43 21.37
CA GLN D 32 -12.19 -13.69 22.62
C GLN D 32 -10.75 -13.39 22.96
N GLU D 33 -9.89 -14.31 22.56
CA GLU D 33 -8.46 -14.26 22.80
C GLU D 33 -7.84 -13.08 22.04
N GLY D 34 -8.15 -12.96 20.76
CA GLY D 34 -7.81 -11.74 20.00
C GLY D 34 -8.25 -10.43 20.64
N CYS D 35 -9.51 -10.36 21.07
CA CYS D 35 -10.02 -9.16 21.75
C CYS D 35 -9.20 -8.80 23.00
N CYS D 36 -8.80 -9.83 23.77
CA CYS D 36 -7.92 -9.59 24.92
C CYS D 36 -6.56 -8.97 24.47
N GLN D 37 -5.91 -9.59 23.51
CA GLN D 37 -4.69 -9.04 22.91
C GLN D 37 -4.86 -7.62 22.29
N PHE D 38 -6.00 -7.31 21.64
CA PHE D 38 -6.17 -5.97 21.14
C PHE D 38 -6.10 -5.01 22.32
N THR D 39 -6.75 -5.45 23.42
CA THR D 39 -6.87 -4.62 24.58
C THR D 39 -5.53 -4.40 25.29
N CYS D 40 -4.78 -5.48 25.47
CA CYS D 40 -3.50 -5.42 26.17
C CYS D 40 -2.45 -4.73 25.33
N GLU D 41 -2.44 -5.02 24.02
CA GLU D 41 -1.48 -4.35 23.14
C GLU D 41 -1.73 -2.84 23.03
N LEU D 42 -3.01 -2.45 22.95
CA LEU D 42 -3.38 -1.05 22.91
C LEU D 42 -2.87 -0.31 24.15
N LEU D 43 -3.12 -0.88 25.33
CA LEU D 43 -2.68 -0.33 26.62
C LEU D 43 -1.20 -0.16 26.63
N LYS D 44 -0.47 -1.20 26.25
CA LYS D 44 0.98 -1.06 26.20
C LYS D 44 1.35 0.09 25.31
N HIS D 45 0.61 0.24 24.21
CA HIS D 45 0.95 1.23 23.18
C HIS D 45 0.67 2.65 23.66
N ILE D 46 -0.45 2.87 24.35
CA ILE D 46 -0.71 4.18 25.00
C ILE D 46 0.31 4.55 26.08
N MSE D 47 0.62 3.60 26.96
CA MSE D 47 1.67 3.79 27.95
C MSE D 47 3.00 4.32 27.36
O MSE D 47 3.63 5.22 27.94
CB MSE D 47 1.91 2.51 28.76
CG MSE D 47 0.77 2.08 29.71
SE MSE D 47 0.00 3.54 30.82
CE MSE D 47 -1.31 4.40 29.69
N TYR D 48 3.45 3.77 26.24
CA TYR D 48 4.71 4.24 25.63
C TYR D 48 4.54 5.56 24.95
N GLN D 49 3.53 5.65 24.08
CA GLN D 49 3.29 6.87 23.31
C GLN D 49 3.00 8.12 24.14
N ARG D 50 2.40 7.92 25.33
CA ARG D 50 2.08 9.03 26.26
C ARG D 50 3.14 9.12 27.32
N GLN D 51 4.26 8.43 27.06
CA GLN D 51 5.53 8.52 27.78
C GLN D 51 5.42 8.15 29.26
N GLN D 52 4.64 7.11 29.53
CA GLN D 52 4.50 6.58 30.87
C GLN D 52 5.42 5.40 30.98
N LEU D 53 6.07 5.08 29.88
CA LEU D 53 7.15 4.07 29.88
C LEU D 53 8.31 4.68 29.11
N PRO D 54 9.54 4.43 29.55
CA PRO D 54 10.75 4.90 28.81
C PRO D 54 11.00 4.18 27.43
N LEU D 55 10.56 2.91 27.38
CA LEU D 55 10.65 2.04 26.22
C LEU D 55 9.38 1.18 26.08
N PRO D 56 9.11 0.70 24.84
CA PRO D 56 7.93 -0.11 24.69
C PRO D 56 8.04 -1.30 25.59
N TYR D 57 6.89 -1.75 26.12
CA TYR D 57 6.79 -2.81 27.15
C TYR D 57 7.62 -4.07 26.86
N GLU D 58 7.54 -4.58 25.65
CA GLU D 58 8.24 -5.80 25.32
C GLU D 58 9.75 -5.65 25.32
N GLN D 59 10.22 -4.46 24.97
CA GLN D 59 11.64 -4.17 24.96
C GLN D 59 12.21 -4.09 26.37
N LEU D 60 11.41 -3.69 27.35
CA LEU D 60 11.86 -3.63 28.72
C LEU D 60 12.37 -5.00 29.16
N LYS D 61 11.59 -6.04 28.83
CA LYS D 61 11.85 -7.43 29.22
C LYS D 61 13.09 -8.04 28.56
N HIS D 62 13.65 -7.33 27.58
CA HIS D 62 14.79 -7.81 26.79
C HIS D 62 16.03 -6.97 27.10
N VAL D 85 20.48 -3.41 39.61
CA VAL D 85 19.83 -2.26 40.26
C VAL D 85 18.83 -1.67 39.28
N SER D 86 19.31 -1.41 38.07
CA SER D 86 18.54 -0.87 36.97
C SER D 86 17.30 -1.71 36.70
N SER D 87 17.51 -3.03 36.61
CA SER D 87 16.43 -3.98 36.35
C SER D 87 15.44 -4.15 37.53
N ARG D 88 15.93 -4.01 38.77
CA ARG D 88 15.06 -4.09 39.96
C ARG D 88 14.09 -2.91 40.00
N LYS D 89 14.61 -1.70 39.76
CA LYS D 89 13.82 -0.46 39.70
C LYS D 89 12.76 -0.56 38.62
N CYS D 90 13.13 -1.19 37.51
CA CYS D 90 12.22 -1.45 36.41
C CYS D 90 11.21 -2.54 36.75
N GLN D 91 11.63 -3.55 37.52
CA GLN D 91 10.72 -4.64 37.90
C GLN D 91 9.51 -4.14 38.71
N GLN D 92 9.76 -3.36 39.77
CA GLN D 92 8.69 -2.86 40.62
C GLN D 92 7.88 -1.76 39.98
N ALA D 93 8.56 -0.89 39.23
CA ALA D 93 7.89 0.18 38.49
C ALA D 93 6.78 -0.42 37.60
N LEU D 94 7.12 -1.52 36.95
CA LEU D 94 6.29 -2.21 35.98
C LEU D 94 5.34 -3.25 36.56
N ALA D 95 5.73 -3.86 37.69
CA ALA D 95 5.01 -4.99 38.27
C ALA D 95 3.50 -4.84 38.22
N GLU D 96 3.03 -3.61 38.44
CA GLU D 96 1.59 -3.27 38.43
C GLU D 96 0.95 -3.24 37.03
N LEU D 97 1.68 -2.71 36.06
CA LEU D 97 1.27 -2.80 34.67
C LEU D 97 1.10 -4.28 34.31
N GLU D 98 2.08 -5.09 34.71
CA GLU D 98 2.10 -6.53 34.44
C GLU D 98 0.90 -7.22 35.11
N SER D 99 0.57 -6.76 36.31
CA SER D 99 -0.51 -7.34 37.10
C SER D 99 -1.88 -7.02 36.45
N VAL D 100 -2.11 -5.74 36.11
CA VAL D 100 -3.25 -5.35 35.26
C VAL D 100 -3.36 -6.20 33.96
N LEU D 101 -2.26 -6.38 33.22
CA LEU D 101 -2.25 -7.18 32.01
C LEU D 101 -2.75 -8.60 32.28
N SER D 102 -2.18 -9.22 33.30
CA SER D 102 -2.51 -10.59 33.70
C SER D 102 -3.94 -10.68 34.13
N HIS D 103 -4.38 -9.68 34.85
CA HIS D 103 -5.75 -9.61 35.27
C HIS D 103 -6.74 -9.35 34.16
N LEU D 104 -6.31 -8.62 33.12
CA LEU D 104 -7.15 -8.41 31.93
C LEU D 104 -7.36 -9.76 31.26
N GLU D 105 -6.30 -10.55 31.19
CA GLU D 105 -6.41 -11.93 30.69
C GLU D 105 -7.45 -12.72 31.46
N ASP D 106 -7.40 -12.70 32.81
CA ASP D 106 -8.35 -13.46 33.65
C ASP D 106 -9.75 -12.93 33.42
N PHE D 107 -9.88 -11.60 33.32
CA PHE D 107 -11.19 -10.99 33.05
C PHE D 107 -11.79 -11.47 31.71
N PHE D 108 -10.98 -11.47 30.64
CA PHE D 108 -11.52 -11.86 29.33
C PHE D 108 -11.92 -13.33 29.31
N ALA D 109 -11.32 -14.14 30.18
CA ALA D 109 -11.72 -15.55 30.34
C ALA D 109 -13.08 -15.69 31.06
N ARG D 110 -13.50 -14.64 31.79
CA ARG D 110 -14.78 -14.70 32.50
C ARG D 110 -15.95 -14.21 31.65
N THR D 111 -15.68 -13.28 30.75
CA THR D 111 -16.76 -12.49 30.18
C THR D 111 -16.44 -11.91 28.83
N LEU D 112 -17.46 -11.77 28.00
CA LEU D 112 -17.41 -10.85 26.87
C LEU D 112 -17.19 -9.42 27.39
N VAL D 113 -16.38 -8.65 26.67
CA VAL D 113 -15.96 -7.32 27.14
C VAL D 113 -16.28 -6.36 26.02
N PRO D 114 -17.48 -5.72 26.06
CA PRO D 114 -17.93 -4.79 25.03
C PRO D 114 -17.14 -3.46 24.92
N ARG D 115 -16.73 -2.92 26.06
CA ARG D 115 -15.99 -1.66 26.07
C ARG D 115 -14.85 -1.65 27.08
N VAL D 116 -13.75 -1.01 26.71
CA VAL D 116 -12.61 -0.79 27.60
C VAL D 116 -12.23 0.69 27.66
N LEU D 117 -11.80 1.15 28.85
CA LEU D 117 -11.33 2.50 29.04
C LEU D 117 -10.00 2.50 29.72
N ILE D 118 -9.15 3.37 29.20
CA ILE D 118 -7.83 3.58 29.72
C ILE D 118 -7.81 5.07 30.07
N LEU D 119 -7.56 5.38 31.34
CA LEU D 119 -7.87 6.74 31.89
C LEU D 119 -6.61 7.19 32.59
N LEU D 120 -6.03 8.28 32.11
CA LEU D 120 -4.73 8.74 32.57
C LEU D 120 -4.92 10.03 33.35
N GLY D 121 -4.29 10.13 34.50
CA GLY D 121 -4.35 11.34 35.34
C GLY D 121 -5.69 11.63 36.01
N GLY D 122 -5.72 12.70 36.81
CA GLY D 122 -6.86 13.03 37.70
C GLY D 122 -7.33 11.81 38.47
N ASN D 123 -8.58 11.41 38.22
CA ASN D 123 -9.13 10.14 38.75
C ASN D 123 -10.03 9.49 37.71
N ALA D 124 -10.54 8.29 38.01
CA ALA D 124 -11.34 7.52 37.05
C ALA D 124 -12.57 8.23 36.54
N LEU D 125 -13.16 9.07 37.38
CA LEU D 125 -14.36 9.83 37.04
C LEU D 125 -14.10 11.04 36.16
N SER D 126 -13.00 11.71 36.43
CA SER D 126 -12.58 12.84 35.61
C SER D 126 -11.06 12.73 35.40
N PRO D 127 -10.64 11.96 34.38
CA PRO D 127 -9.21 11.76 34.11
C PRO D 127 -8.64 12.98 33.42
N LYS D 128 -7.34 13.20 33.54
CA LYS D 128 -6.66 14.16 32.67
C LYS D 128 -6.86 13.81 31.19
N GLU D 129 -6.67 12.53 30.85
CA GLU D 129 -6.95 12.07 29.47
C GLU D 129 -7.42 10.63 29.40
N PHE D 130 -8.24 10.32 28.41
CA PHE D 130 -8.65 8.94 28.29
C PHE D 130 -8.90 8.38 26.88
N TYR D 131 -8.79 7.05 26.84
CA TYR D 131 -8.95 6.27 25.63
C TYR D 131 -9.97 5.14 25.78
N GLU D 132 -10.79 4.96 24.75
CA GLU D 132 -11.73 3.88 24.70
C GLU D 132 -11.47 2.93 23.50
N LEU D 133 -11.66 1.64 23.77
CA LEU D 133 -11.76 0.60 22.77
C LEU D 133 -13.19 0.09 22.82
N ASP D 134 -13.88 0.17 21.69
CA ASP D 134 -15.26 -0.29 21.58
C ASP D 134 -15.27 -1.59 20.80
N LEU D 135 -15.53 -2.67 21.51
CA LEU D 135 -15.44 -4.01 20.96
C LEU D 135 -16.84 -4.57 20.78
N SER D 136 -17.84 -3.78 21.15
CA SER D 136 -19.20 -4.29 21.14
C SER D 136 -19.56 -5.02 19.86
N LEU D 137 -19.37 -4.40 18.70
CA LEU D 137 -19.92 -4.94 17.45
C LEU D 137 -19.37 -6.31 17.01
N LEU D 138 -18.46 -6.88 17.81
CA LEU D 138 -17.65 -7.99 17.31
C LEU D 138 -18.23 -9.40 17.52
N ALA D 139 -18.33 -10.14 16.41
CA ALA D 139 -18.87 -11.51 16.36
C ALA D 139 -17.98 -12.52 17.12
N LEU D 147 -2.23 -14.71 14.97
CA LEU D 147 -1.87 -14.86 13.54
C LEU D 147 -2.97 -14.41 12.52
N SER D 148 -4.16 -15.01 12.60
CA SER D 148 -5.40 -14.26 12.34
C SER D 148 -5.41 -13.02 13.28
N THR D 149 -5.15 -13.25 14.57
CA THR D 149 -5.01 -12.17 15.57
C THR D 149 -3.79 -11.22 15.28
N ALA D 150 -2.60 -11.76 15.06
CA ALA D 150 -1.45 -10.97 14.58
C ALA D 150 -1.84 -10.04 13.42
N ALA D 151 -2.65 -10.54 12.51
CA ALA D 151 -3.10 -9.75 11.32
C ALA D 151 -4.04 -8.61 11.70
N CYS D 152 -4.95 -8.86 12.64
CA CYS D 152 -5.91 -7.85 13.09
C CYS D 152 -5.29 -6.75 13.93
N LEU D 153 -4.28 -7.11 14.72
CA LEU D 153 -3.49 -6.19 15.47
C LEU D 153 -2.74 -5.22 14.53
N ARG D 154 -2.13 -5.72 13.46
CA ARG D 154 -1.54 -4.83 12.43
C ARG D 154 -2.56 -3.87 11.80
N ARG D 155 -3.71 -4.37 11.39
CA ARG D 155 -4.78 -3.53 10.85
C ARG D 155 -5.23 -2.49 11.87
N LEU D 156 -5.51 -2.92 13.10
CA LEU D 156 -5.90 -1.99 14.19
C LEU D 156 -4.84 -0.91 14.42
N PHE D 157 -3.58 -1.29 14.57
CA PHE D 157 -2.52 -0.33 14.84
C PHE D 157 -2.20 0.53 13.65
N ARG D 158 -2.37 -0.01 12.44
CA ARG D 158 -2.21 0.86 11.26
C ARG D 158 -3.28 1.98 11.22
N ALA D 159 -4.51 1.60 11.49
CA ALA D 159 -5.66 2.55 11.51
C ALA D 159 -5.34 3.65 12.46
N ILE D 160 -4.97 3.27 13.67
CA ILE D 160 -4.57 4.25 14.67
C ILE D 160 -3.45 5.14 14.14
N PHE D 161 -2.47 4.52 13.53
CA PHE D 161 -1.26 5.26 13.13
C PHE D 161 -1.62 6.28 12.03
N MSE D 162 -2.41 5.84 11.07
CA MSE D 162 -2.75 6.66 9.92
C MSE D 162 -3.76 7.74 10.28
O MSE D 162 -4.00 8.66 9.50
CB MSE D 162 -3.26 5.75 8.81
CG MSE D 162 -2.16 5.15 7.98
SE MSE D 162 -2.96 3.93 6.71
CE MSE D 162 -1.34 3.03 6.08
N ALA D 163 -4.36 7.61 11.48
CA ALA D 163 -5.24 8.65 12.04
C ALA D 163 -4.35 9.65 12.76
N ASP D 164 -3.07 9.32 12.84
CA ASP D 164 -2.06 10.17 13.47
C ASP D 164 -2.46 10.58 14.88
N ALA D 165 -2.82 9.55 15.66
CA ALA D 165 -3.06 9.63 17.07
C ALA D 165 -1.73 9.87 17.71
N PHE D 166 -1.74 10.37 18.94
CA PHE D 166 -0.53 10.64 19.71
C PHE D 166 0.37 11.71 19.08
N SER D 167 -0.24 12.73 18.44
CA SER D 167 0.47 13.83 17.78
C SER D 167 0.94 14.98 18.68
N GLU D 168 0.75 14.85 19.99
CA GLU D 168 1.06 15.94 20.92
C GLU D 168 2.56 16.17 21.03
N LEU D 169 2.96 17.45 20.93
CA LEU D 169 4.37 17.82 21.03
C LEU D 169 4.87 17.91 22.45
N GLN D 170 4.09 18.59 23.29
CA GLN D 170 4.50 18.80 24.67
C GLN D 170 4.48 17.46 25.38
N ALA D 171 5.54 17.21 26.15
CA ALA D 171 5.67 16.04 26.97
C ALA D 171 4.74 16.10 28.18
N PRO D 172 3.80 15.14 28.30
CA PRO D 172 2.83 15.19 29.39
C PRO D 172 3.55 14.83 30.70
N PRO D 173 2.93 15.13 31.86
CA PRO D 173 3.57 14.65 33.10
C PRO D 173 3.37 13.16 33.28
N LEU D 174 4.19 12.57 34.13
CA LEU D 174 3.94 11.25 34.64
C LEU D 174 2.59 11.24 35.39
N MSE D 175 1.72 10.30 35.03
CA MSE D 175 0.39 10.19 35.60
C MSE D 175 0.15 8.79 36.12
O MSE D 175 1.00 7.90 35.99
CB MSE D 175 -0.66 10.57 34.55
CG MSE D 175 -0.49 11.94 34.09
SE MSE D 175 -1.68 12.46 32.73
CE MSE D 175 -0.65 11.82 31.17
N GLY D 176 -1.01 8.61 36.73
CA GLY D 176 -1.48 7.30 37.16
C GLY D 176 -2.47 6.90 36.08
N THR D 177 -2.41 5.63 35.69
CA THR D 177 -3.36 5.10 34.70
C THR D 177 -4.34 4.13 35.34
N VAL D 178 -5.64 4.35 35.08
CA VAL D 178 -6.66 3.40 35.53
C VAL D 178 -7.24 2.60 34.36
N VAL D 179 -7.39 1.29 34.52
CA VAL D 179 -8.02 0.49 33.48
C VAL D 179 -9.45 0.06 33.87
N MSE D 180 -10.39 0.42 33.03
CA MSE D 180 -11.78 0.00 33.19
C MSE D 180 -12.29 -0.84 32.02
O MSE D 180 -11.96 -0.63 30.84
CB MSE D 180 -12.69 1.20 33.47
CG MSE D 180 -12.36 1.85 34.81
SE MSE D 180 -13.55 3.31 35.25
CE MSE D 180 -15.17 2.25 35.63
N ALA D 181 -13.10 -1.82 32.37
CA ALA D 181 -13.70 -2.72 31.39
C ALA D 181 -15.12 -3.12 31.82
N GLN D 182 -16.02 -3.17 30.84
CA GLN D 182 -17.36 -3.68 31.03
C GLN D 182 -17.35 -5.20 30.92
N GLY D 183 -18.13 -5.86 31.79
CA GLY D 183 -18.30 -7.32 31.78
C GLY D 183 -19.66 -7.71 32.35
N HIS D 184 -20.02 -9.00 32.29
CA HIS D 184 -21.33 -9.44 32.80
C HIS D 184 -21.39 -9.30 34.32
N ARG D 185 -22.51 -8.75 34.79
CA ARG D 185 -22.82 -8.67 36.22
C ARG D 185 -22.42 -9.91 36.99
N ASN D 186 -22.80 -11.05 36.43
CA ASN D 186 -22.65 -12.33 37.15
C ASN D 186 -21.40 -13.07 36.80
N CYS D 187 -20.42 -12.40 36.17
CA CYS D 187 -19.20 -13.09 35.77
C CYS D 187 -18.29 -13.57 36.90
N GLY D 188 -18.49 -13.03 38.11
CA GLY D 188 -17.68 -13.45 39.29
C GLY D 188 -16.31 -12.81 39.41
N GLU D 189 -16.08 -11.76 38.64
CA GLU D 189 -14.81 -11.05 38.69
C GLU D 189 -14.61 -10.55 40.12
N ASP D 190 -13.51 -10.88 40.77
CA ASP D 190 -13.26 -10.25 42.07
C ASP D 190 -11.90 -9.53 42.27
N TRP D 191 -11.16 -9.28 41.18
CA TRP D 191 -10.01 -8.37 41.25
C TRP D 191 -10.43 -7.00 40.79
N PHE D 192 -10.96 -6.90 39.58
CA PHE D 192 -11.55 -5.63 39.14
C PHE D 192 -12.77 -5.43 40.03
N ARG D 193 -13.06 -4.17 40.36
CA ARG D 193 -14.18 -3.84 41.26
C ARG D 193 -15.37 -3.30 40.48
N PRO D 194 -16.60 -3.78 40.77
CA PRO D 194 -17.77 -3.29 40.04
C PRO D 194 -18.03 -1.84 40.32
N LYS D 195 -18.51 -1.12 39.32
CA LYS D 195 -18.72 0.30 39.42
C LYS D 195 -20.08 0.65 38.85
N LEU D 196 -21.10 0.54 39.71
CA LEU D 196 -22.49 0.46 39.27
C LEU D 196 -23.02 1.71 38.63
N ASN D 197 -22.72 2.86 39.23
CA ASN D 197 -23.19 4.12 38.66
C ASN D 197 -22.11 4.98 37.99
N TYR D 198 -21.00 4.31 37.66
CA TYR D 198 -20.00 4.88 36.78
C TYR D 198 -20.65 5.24 35.47
N ARG D 199 -20.26 6.38 34.93
CA ARG D 199 -20.57 6.72 33.56
C ARG D 199 -19.31 7.30 32.96
N VAL D 200 -19.14 7.03 31.68
CA VAL D 200 -17.99 7.44 30.90
C VAL D 200 -17.79 8.96 31.01
N PRO D 201 -16.58 9.40 31.40
CA PRO D 201 -16.19 10.80 31.46
C PRO D 201 -16.49 11.56 30.17
N SER D 202 -16.79 12.84 30.34
CA SER D 202 -17.29 13.71 29.26
C SER D 202 -16.21 14.67 28.82
N ARG D 203 -15.11 14.65 29.54
CA ARG D 203 -14.04 15.59 29.32
C ARG D 203 -12.71 14.87 29.12
N GLY D 204 -11.99 15.22 28.06
CA GLY D 204 -10.62 14.74 27.88
C GLY D 204 -10.50 13.48 27.04
N HIS D 205 -11.54 13.21 26.27
CA HIS D 205 -11.50 12.16 25.28
C HIS D 205 -10.40 12.39 24.23
N LYS D 206 -9.41 11.52 24.26
CA LYS D 206 -8.34 11.57 23.29
C LYS D 206 -8.67 10.70 22.08
N LEU D 207 -9.31 9.53 22.29
CA LEU D 207 -9.40 8.54 21.24
C LEU D 207 -10.37 7.39 21.51
N THR D 208 -11.23 7.10 20.55
CA THR D 208 -12.03 5.89 20.56
C THR D 208 -11.67 5.04 19.37
N VAL D 209 -11.35 3.79 19.63
CA VAL D 209 -11.11 2.86 18.54
C VAL D 209 -12.32 1.96 18.49
N THR D 210 -12.99 1.92 17.35
CA THR D 210 -14.22 1.12 17.21
C THR D 210 -13.93 -0.03 16.27
N LEU D 211 -14.15 -1.25 16.76
CA LEU D 211 -13.90 -2.47 16.03
C LEU D 211 -15.20 -3.09 15.55
N SER D 212 -15.20 -3.62 14.33
CA SER D 212 -16.32 -4.41 13.80
C SER D 212 -15.85 -5.50 12.86
N CYS D 213 -16.75 -6.46 12.61
CA CYS D 213 -16.53 -7.59 11.70
C CYS D 213 -17.36 -7.49 10.42
N GLY D 214 -17.71 -6.28 9.99
CA GLY D 214 -18.63 -6.10 8.86
C GLY D 214 -19.92 -6.91 9.03
N ARG D 215 -20.61 -6.65 10.13
CA ARG D 215 -21.90 -7.29 10.45
C ARG D 215 -22.78 -6.27 11.21
N PRO D 216 -23.96 -5.95 10.64
CA PRO D 216 -25.02 -5.42 11.51
C PRO D 216 -25.86 -6.60 12.03
N SER D 217 -25.55 -7.06 13.25
CA SER D 217 -26.02 -8.37 13.71
C SER D 217 -26.53 -8.50 15.15
N ILE D 218 -25.92 -7.79 16.08
CA ILE D 218 -26.13 -8.10 17.49
C ILE D 218 -27.56 -7.79 17.96
N ARG D 219 -28.01 -8.56 18.96
CA ARG D 219 -29.33 -8.45 19.57
C ARG D 219 -29.51 -7.14 20.34
N THR D 220 -30.72 -6.59 20.26
CA THR D 220 -31.07 -5.30 20.87
C THR D 220 -30.62 -5.07 22.32
N THR D 221 -30.97 -5.96 23.24
CA THR D 221 -30.68 -5.77 24.67
C THR D 221 -29.42 -6.51 25.12
N ALA D 222 -28.60 -6.89 24.13
CA ALA D 222 -27.44 -7.74 24.33
C ALA D 222 -26.58 -7.44 25.56
N TRP D 223 -26.26 -6.15 25.74
CA TRP D 223 -25.30 -5.72 26.77
C TRP D 223 -26.00 -5.18 28.00
N GLU D 224 -27.30 -5.49 28.10
CA GLU D 224 -28.16 -5.07 29.20
C GLU D 224 -27.60 -5.38 30.59
N ASP D 225 -26.97 -6.55 30.75
CA ASP D 225 -26.47 -6.99 32.07
C ASP D 225 -24.97 -6.79 32.30
N TYR D 226 -24.38 -6.04 31.39
CA TYR D 226 -22.98 -5.68 31.50
C TYR D 226 -22.83 -4.38 32.28
N ILE D 227 -21.86 -4.36 33.19
CA ILE D 227 -21.59 -3.23 34.06
C ILE D 227 -20.09 -2.89 33.98
N TRP D 228 -19.69 -1.70 34.45
CA TRP D 228 -18.28 -1.34 34.55
C TRP D 228 -17.53 -2.04 35.68
N PHE D 229 -16.31 -2.45 35.35
CA PHE D 229 -15.34 -2.83 36.34
C PHE D 229 -14.15 -1.87 36.29
N GLN D 230 -13.57 -1.62 37.45
CA GLN D 230 -12.42 -0.76 37.57
C GLN D 230 -11.32 -1.53 38.29
N ALA D 231 -10.12 -1.49 37.71
CA ALA D 231 -8.94 -2.08 38.34
C ALA D 231 -8.69 -1.48 39.72
N PRO D 232 -8.29 -2.34 40.69
CA PRO D 232 -8.07 -1.91 42.07
C PRO D 232 -6.75 -1.15 42.29
N VAL D 233 -5.83 -1.29 41.35
CA VAL D 233 -4.55 -0.60 41.40
C VAL D 233 -4.42 0.41 40.25
N THR D 234 -3.55 1.39 40.45
CA THR D 234 -3.21 2.41 39.46
C THR D 234 -1.76 2.21 39.00
N PHE D 235 -1.54 2.19 37.68
CA PHE D 235 -0.17 2.17 37.17
C PHE D 235 0.39 3.58 37.07
N LYS D 236 1.52 3.85 37.73
CA LYS D 236 2.14 5.18 37.66
C LYS D 236 3.29 5.20 36.66
N GLY D 237 3.20 6.13 35.71
CA GLY D 237 4.23 6.27 34.69
C GLY D 237 5.62 6.62 35.20
N PHE D 238 6.63 6.13 34.49
CA PHE D 238 8.05 6.45 34.77
C PHE D 238 8.88 6.67 33.51
N ARG D 239 10.05 7.27 33.70
CA ARG D 239 10.96 7.64 32.60
C ARG D 239 12.42 7.33 32.95
N SER E 1 12.67 22.11 -9.74
CA SER E 1 11.50 22.07 -8.84
C SER E 1 10.24 21.64 -9.56
N TRP E 2 9.14 21.60 -8.82
CA TRP E 2 7.80 21.24 -9.32
C TRP E 2 6.99 22.41 -9.83
N TYR E 3 6.40 22.21 -11.00
CA TYR E 3 5.54 23.28 -11.53
C TYR E 3 4.25 22.66 -11.97
N SER E 4 3.23 23.49 -11.89
CA SER E 4 1.85 23.10 -12.12
C SER E 4 1.25 23.97 -13.21
N TYR E 5 0.45 23.36 -14.08
CA TYR E 5 -0.34 24.09 -15.05
C TYR E 5 -1.81 23.69 -14.90
N PRO E 6 -2.62 24.54 -14.28
CA PRO E 6 -4.02 24.17 -13.98
C PRO E 6 -4.94 24.14 -15.18
N PRO E 7 -5.67 23.02 -15.33
CA PRO E 7 -6.74 22.76 -16.26
C PRO E 7 -7.77 23.85 -16.15
N PRO E 8 -8.57 24.03 -17.20
CA PRO E 8 -9.77 24.88 -17.18
C PRO E 8 -10.63 24.62 -15.95
N GLN E 9 -11.07 25.71 -15.33
CA GLN E 9 -12.10 25.67 -14.32
C GLN E 9 -13.43 25.14 -14.91
N ARG E 10 -14.22 24.46 -14.10
CA ARG E 10 -15.50 23.94 -14.55
C ARG E 10 -16.71 24.52 -13.78
N ALA E 11 -17.87 24.55 -14.45
CA ALA E 11 -19.09 25.17 -13.90
C ALA E 11 -20.14 24.13 -13.55
N SER F 1 22.20 12.93 -8.35
CA SER F 1 21.98 11.48 -8.55
C SER F 1 22.14 10.76 -7.20
N TRP F 2 22.06 9.43 -7.20
CA TRP F 2 22.07 8.62 -5.99
C TRP F 2 23.44 8.03 -5.74
N TYR F 3 23.78 7.91 -4.46
CA TYR F 3 25.03 7.26 -4.08
C TYR F 3 24.84 6.33 -2.89
N SER F 4 25.69 5.33 -2.82
CA SER F 4 25.55 4.19 -1.93
C SER F 4 26.85 4.04 -1.11
N TYR F 5 26.73 3.89 0.21
CA TYR F 5 27.89 3.54 1.01
C TYR F 5 27.59 2.26 1.80
N PRO F 6 27.93 1.11 1.22
CA PRO F 6 27.56 -0.17 1.81
C PRO F 6 28.20 -0.39 3.17
N PRO F 7 27.42 -0.87 4.13
CA PRO F 7 27.91 -1.12 5.47
C PRO F 7 28.84 -2.33 5.56
N PRO F 8 29.49 -2.52 6.71
CA PRO F 8 30.34 -3.69 6.85
C PRO F 8 29.57 -4.97 6.56
N GLN F 9 30.24 -5.95 5.96
CA GLN F 9 29.72 -7.32 5.87
C GLN F 9 29.67 -7.92 7.27
N ARG F 10 28.97 -9.04 7.41
CA ARG F 10 28.78 -9.68 8.72
C ARG F 10 29.00 -11.18 8.59
#